data_8Y54
#
_entry.id   8Y54
#
_cell.length_a   112.470
_cell.length_b   91.060
_cell.length_c   80.870
_cell.angle_alpha   90.00
_cell.angle_beta   125.27
_cell.angle_gamma   90.00
#
_symmetry.space_group_name_H-M   'C 1 2 1'
#
loop_
_entity.id
_entity.type
_entity.pdbx_description
1 polymer 'cysteine-S-conjugate beta-lyase'
2 water water
#
_entity_poly.entity_id   1
_entity_poly.type   'polypeptide(L)'
_entity_poly.pdbx_seq_one_letter_code
;MAEKQYDFTHVPKRQGNSIKWGGLKEKELPMWIAEMDFRIAPEIMTSMEEKLKVAAFGYESVPAEYYKAVADWEEIEHRA
RPKEDWCVFASGVVPAISAMVRQFTSPGDQILVQEPVYNMFYSVIEGNGRRVISSDLIYENSKYSVNWADLEEKLATPSV
RMMVFCNPHNPIGYAWSEEEVKRIAELCAKHQVLLISDEIHGDLVLTDEDITPAFTVDWDAKNWVVSLISPSKTFNLAAL
HAACAIIPNPDLRARAEESFFLAGIGEPNLLAIPAAIAAYEEGHNWLRELKQVLRDNFAYAREFLAKEVPEVKVLDSNAS
YLAWVDISALGMNAEDFCKYLREKTGLIISAGNGYRGNGHEFVRINLACPKELVIDGMQRLKQGVLNLNN
;
_entity_poly.pdbx_strand_id   A,B
#
# COMPACT_ATOMS: atom_id res chain seq x y z
N LYS A 4 -7.75 23.35 26.32
CA LYS A 4 -7.90 23.01 24.90
C LYS A 4 -9.29 22.58 24.44
N GLN A 5 -9.35 22.27 23.18
CA GLN A 5 -10.57 21.81 22.49
C GLN A 5 -10.24 20.34 22.15
N TYR A 6 -8.98 19.92 22.39
CA TYR A 6 -8.54 18.58 21.97
C TYR A 6 -7.69 17.91 23.05
N ASP A 7 -7.76 16.59 23.09
CA ASP A 7 -7.05 15.79 24.10
C ASP A 7 -5.58 15.66 23.74
N PHE A 8 -4.71 16.26 24.55
CA PHE A 8 -3.27 16.01 24.46
C PHE A 8 -2.71 15.48 25.78
N THR A 9 -3.53 14.73 26.52
CA THR A 9 -3.19 14.30 27.88
C THR A 9 -3.18 12.79 28.00
N HIS A 10 -4.11 12.12 27.33
CA HIS A 10 -4.32 10.70 27.51
C HIS A 10 -3.73 9.92 26.34
N VAL A 11 -2.90 8.94 26.67
CA VAL A 11 -2.24 8.13 25.65
C VAL A 11 -3.22 7.10 25.11
N PRO A 12 -3.40 7.01 23.80
CA PRO A 12 -4.32 6.00 23.26
C PRO A 12 -3.91 4.60 23.65
N LYS A 13 -4.90 3.74 23.89
CA LYS A 13 -4.65 2.35 24.23
C LYS A 13 -4.64 1.54 22.94
N ARG A 14 -3.45 1.09 22.54
CA ARG A 14 -3.30 0.37 21.29
C ARG A 14 -3.69 -1.09 21.45
N GLN A 15 -3.92 -1.73 20.31
CA GLN A 15 -4.01 -3.18 20.29
C GLN A 15 -2.61 -3.75 20.36
N GLY A 16 -2.52 -5.09 20.42
CA GLY A 16 -1.26 -5.72 20.82
C GLY A 16 -0.16 -5.61 19.80
N ASN A 17 -0.51 -5.40 18.52
CA ASN A 17 0.46 -5.43 17.43
C ASN A 17 1.00 -4.05 17.08
N SER A 18 1.23 -3.22 18.08
CA SER A 18 1.83 -1.90 17.87
C SER A 18 3.35 -2.02 17.86
N ILE A 19 4.00 -1.34 16.91
CA ILE A 19 5.46 -1.30 16.89
C ILE A 19 6.00 -0.48 18.05
N LYS A 20 5.38 0.67 18.33
CA LYS A 20 5.90 1.52 19.39
C LYS A 20 5.69 0.88 20.77
N TRP A 21 4.49 0.37 21.03
CA TRP A 21 4.12 -0.07 22.36
C TRP A 21 3.98 -1.58 22.51
N GLY A 22 4.19 -2.34 21.44
CA GLY A 22 3.98 -3.78 21.49
C GLY A 22 5.26 -4.49 21.92
N GLY A 23 5.08 -5.52 22.74
CA GLY A 23 6.20 -6.30 23.21
C GLY A 23 6.99 -5.67 24.33
N LEU A 24 6.42 -4.70 25.05
CA LEU A 24 7.17 -3.95 26.04
C LEU A 24 7.16 -4.64 27.39
N LYS A 25 8.28 -4.52 28.10
CA LYS A 25 8.31 -4.89 29.50
C LYS A 25 7.55 -3.86 30.33
N GLU A 26 7.17 -4.27 31.55
CA GLU A 26 6.42 -3.40 32.43
C GLU A 26 7.20 -2.12 32.70
N LYS A 27 6.54 -0.98 32.52
CA LYS A 27 7.01 0.38 32.82
C LYS A 27 8.00 0.91 31.78
N GLU A 28 8.25 0.18 30.70
CA GLU A 28 9.09 0.74 29.64
C GLU A 28 8.37 1.90 28.96
N LEU A 29 9.13 2.91 28.60
CA LEU A 29 8.58 4.14 28.02
C LEU A 29 9.21 4.37 26.66
N PRO A 30 8.50 4.09 25.57
CA PRO A 30 9.08 4.26 24.23
C PRO A 30 9.02 5.71 23.79
N MET A 31 10.17 6.28 23.42
CA MET A 31 10.24 7.66 22.89
C MET A 31 11.19 7.65 21.69
N TRP A 32 11.05 6.64 20.83
CA TRP A 32 11.99 6.45 19.69
C TRP A 32 11.30 6.60 18.34
N ILE A 33 10.47 5.63 17.96
CA ILE A 33 9.85 5.64 16.60
C ILE A 33 8.98 6.88 16.44
N ALA A 34 8.96 7.43 15.24
CA ALA A 34 8.24 8.68 15.01
C ALA A 34 6.76 8.39 14.76
N GLU A 35 6.05 8.18 15.86
CA GLU A 35 4.59 8.28 15.93
C GLU A 35 4.23 8.88 17.27
N MET A 36 3.02 9.45 17.36
CA MET A 36 2.63 10.18 18.55
C MET A 36 1.88 9.31 19.54
N ASP A 37 1.90 9.76 20.79
CA ASP A 37 1.05 9.20 21.83
C ASP A 37 -0.07 10.18 22.17
N PHE A 38 -0.67 10.73 21.12
CA PHE A 38 -1.86 11.56 21.18
C PHE A 38 -2.94 10.92 20.31
N ARG A 39 -4.19 11.06 20.74
CA ARG A 39 -5.29 10.67 19.87
C ARG A 39 -5.33 11.59 18.66
N ILE A 40 -5.83 11.07 17.54
CA ILE A 40 -5.91 11.87 16.33
C ILE A 40 -7.05 12.88 16.43
N ALA A 41 -7.03 13.84 15.51
CA ALA A 41 -8.06 14.87 15.41
C ALA A 41 -9.43 14.23 15.30
N PRO A 42 -10.41 14.67 16.10
CA PRO A 42 -11.77 14.13 15.97
C PRO A 42 -12.35 14.32 14.58
N GLU A 43 -12.02 15.42 13.90
CA GLU A 43 -12.52 15.61 12.55
C GLU A 43 -12.02 14.51 11.61
N ILE A 44 -10.82 13.99 11.85
CA ILE A 44 -10.35 12.86 11.05
C ILE A 44 -11.08 11.60 11.46
N MET A 45 -11.17 11.36 12.78
CA MET A 45 -11.88 10.20 13.31
C MET A 45 -13.30 10.11 12.74
N THR A 46 -14.02 11.24 12.71
CA THR A 46 -15.38 11.24 12.18
C THR A 46 -15.43 10.76 10.72
N SER A 47 -14.43 11.11 9.92
CA SER A 47 -14.46 10.72 8.49
C SER A 47 -14.24 9.22 8.36
N MET A 48 -13.43 8.67 9.26
CA MET A 48 -13.16 7.22 9.23
C MET A 48 -14.41 6.44 9.66
N GLU A 49 -15.06 6.88 10.73
CA GLU A 49 -16.28 6.20 11.20
C GLU A 49 -17.35 6.33 10.11
N GLU A 50 -17.40 7.50 9.46
CA GLU A 50 -18.37 7.71 8.39
C GLU A 50 -18.11 6.77 7.22
N LYS A 51 -16.85 6.67 6.81
CA LYS A 51 -16.50 5.78 5.69
C LYS A 51 -16.87 4.33 5.99
N LEU A 52 -16.58 3.85 7.20
CA LEU A 52 -16.88 2.47 7.56
C LEU A 52 -18.36 2.14 7.37
N LYS A 53 -19.25 3.12 7.57
CA LYS A 53 -20.68 2.83 7.45
C LYS A 53 -21.10 2.46 6.03
N VAL A 54 -20.25 2.69 5.03
CA VAL A 54 -20.56 2.25 3.64
C VAL A 54 -20.76 0.73 3.72
N ALA A 55 -20.04 0.05 4.61
CA ALA A 55 -20.19 -1.41 4.89
C ALA A 55 -19.84 -2.23 3.64
N ALA A 56 -19.07 -1.66 2.73
CA ALA A 56 -18.58 -2.39 1.54
C ALA A 56 -17.35 -1.62 1.09
N PHE A 57 -16.30 -2.35 0.74
CA PHE A 57 -15.02 -1.69 0.52
C PHE A 57 -14.39 -2.22 -0.78
N GLY A 58 -15.03 -1.85 -1.89
CA GLY A 58 -14.51 -2.15 -3.21
C GLY A 58 -13.42 -1.17 -3.61
N TYR A 59 -13.10 -1.18 -4.90
CA TYR A 59 -11.97 -0.43 -5.42
C TYR A 59 -12.24 1.07 -5.37
N GLU A 60 -11.21 1.84 -5.08
CA GLU A 60 -11.33 3.28 -4.92
C GLU A 60 -10.48 3.99 -5.95
N SER A 61 -11.03 5.08 -6.48
CA SER A 61 -10.29 6.04 -7.29
C SER A 61 -9.82 7.17 -6.38
N VAL A 62 -8.89 7.97 -6.89
CA VAL A 62 -8.46 9.19 -6.22
C VAL A 62 -9.30 10.33 -6.79
N PRO A 63 -10.19 10.95 -6.00
CA PRO A 63 -11.06 11.99 -6.54
C PRO A 63 -10.32 13.31 -6.63
N ALA A 64 -10.86 14.24 -7.42
CA ALA A 64 -10.15 15.51 -7.46
C ALA A 64 -10.25 16.26 -6.15
N GLU A 65 -11.27 15.95 -5.33
CA GLU A 65 -11.33 16.55 -3.99
C GLU A 65 -10.06 16.28 -3.21
N TYR A 66 -9.42 15.13 -3.44
CA TYR A 66 -8.17 14.82 -2.75
C TYR A 66 -7.09 15.81 -3.14
N TYR A 67 -6.93 16.05 -4.44
CA TYR A 67 -5.91 16.98 -4.91
C TYR A 67 -6.25 18.41 -4.50
N LYS A 68 -7.54 18.76 -4.51
CA LYS A 68 -7.94 20.09 -4.06
C LYS A 68 -7.64 20.27 -2.57
N ALA A 69 -7.90 19.23 -1.77
CA ALA A 69 -7.59 19.30 -0.35
C ALA A 69 -6.10 19.47 -0.11
N VAL A 70 -5.27 18.71 -0.84
CA VAL A 70 -3.82 18.91 -0.79
C VAL A 70 -3.45 20.35 -1.13
N ALA A 71 -4.00 20.88 -2.22
CA ALA A 71 -3.63 22.23 -2.64
C ALA A 71 -4.05 23.27 -1.61
N ASP A 72 -5.29 23.14 -1.12
CA ASP A 72 -5.81 24.08 -0.13
C ASP A 72 -4.95 24.06 1.13
N TRP A 73 -4.57 22.86 1.58
CA TRP A 73 -3.79 22.71 2.79
C TRP A 73 -2.43 23.37 2.65
N GLU A 74 -1.75 23.09 1.54
CA GLU A 74 -0.43 23.67 1.29
C GLU A 74 -0.49 25.19 1.30
N GLU A 75 -1.53 25.75 0.68
CA GLU A 75 -1.64 27.20 0.66
C GLU A 75 -1.91 27.79 2.04
N ILE A 76 -2.82 27.17 2.82
CA ILE A 76 -3.20 27.75 4.10
C ILE A 76 -2.06 27.62 5.10
N GLU A 77 -1.45 26.46 5.15
CA GLU A 77 -0.38 26.21 6.12
C GLU A 77 0.96 26.74 5.61
N HIS A 78 1.22 26.72 4.31
CA HIS A 78 2.57 27.05 3.79
C HIS A 78 2.64 28.25 2.84
N ARG A 79 1.50 28.84 2.49
CA ARG A 79 1.48 29.97 1.53
C ARG A 79 2.13 29.48 0.24
N ALA A 80 1.86 28.22 -0.12
CA ALA A 80 2.40 27.61 -1.35
C ALA A 80 1.27 26.79 -1.92
N ARG A 81 0.99 26.93 -3.18
CA ARG A 81 -0.14 26.22 -3.78
C ARG A 81 0.27 25.47 -5.02
N PRO A 82 0.29 24.15 -5.00
CA PRO A 82 0.53 23.38 -6.22
C PRO A 82 -0.70 23.40 -7.11
N LYS A 83 -0.43 23.26 -8.41
CA LYS A 83 -1.47 22.88 -9.35
C LYS A 83 -2.02 21.52 -8.98
N GLU A 84 -3.36 21.39 -8.95
CA GLU A 84 -3.91 20.09 -8.63
C GLU A 84 -3.41 19.01 -9.58
N ASP A 85 -3.15 19.38 -10.85
CA ASP A 85 -2.66 18.43 -11.84
C ASP A 85 -1.31 17.83 -11.48
N TRP A 86 -0.51 18.55 -10.71
CA TRP A 86 0.81 18.06 -10.33
C TRP A 86 0.73 16.91 -9.35
N CYS A 87 -0.43 16.71 -8.73
CA CYS A 87 -0.53 15.87 -7.55
C CYS A 87 -0.87 14.44 -7.93
N VAL A 88 -0.18 13.48 -7.31
CA VAL A 88 -0.37 12.06 -7.58
C VAL A 88 -0.43 11.32 -6.26
N PHE A 89 -1.47 10.52 -6.06
CA PHE A 89 -1.58 9.75 -4.83
C PHE A 89 -0.51 8.67 -4.78
N ALA A 90 0.09 8.53 -3.60
CA ALA A 90 0.93 7.39 -3.25
C ALA A 90 0.57 6.94 -1.84
N SER A 91 0.69 5.63 -1.58
CA SER A 91 0.29 5.19 -0.25
C SER A 91 1.33 5.51 0.82
N GLY A 92 2.53 5.95 0.44
CA GLY A 92 3.48 6.31 1.47
C GLY A 92 4.67 7.05 0.91
N VAL A 93 5.30 7.88 1.74
CA VAL A 93 6.40 8.70 1.25
C VAL A 93 7.61 7.83 0.93
N VAL A 94 7.99 6.97 1.86
CA VAL A 94 9.18 6.12 1.68
C VAL A 94 8.99 5.17 0.49
N PRO A 95 7.86 4.45 0.36
CA PRO A 95 7.63 3.65 -0.83
C PRO A 95 7.65 4.46 -2.14
N ALA A 96 7.25 5.73 -2.08
CA ALA A 96 7.31 6.58 -3.28
C ALA A 96 8.78 6.82 -3.67
N ILE A 97 9.59 7.10 -2.65
CA ILE A 97 11.02 7.27 -2.93
C ILE A 97 11.59 5.99 -3.53
N SER A 98 11.27 4.86 -2.92
CA SER A 98 11.72 3.57 -3.44
C SER A 98 11.34 3.41 -4.92
N ALA A 99 10.09 3.68 -5.27
CA ALA A 99 9.66 3.49 -6.65
C ALA A 99 10.38 4.46 -7.59
N MET A 100 10.61 5.70 -7.14
CA MET A 100 11.27 6.66 -8.03
C MET A 100 12.76 6.38 -8.14
N VAL A 101 13.36 5.78 -7.12
CA VAL A 101 14.72 5.27 -7.25
C VAL A 101 14.79 4.25 -8.39
N ARG A 102 13.84 3.33 -8.43
CA ARG A 102 13.87 2.31 -9.47
C ARG A 102 13.56 2.88 -10.85
N GLN A 103 12.71 3.90 -10.92
CA GLN A 103 12.27 4.43 -12.20
C GLN A 103 13.21 5.48 -12.78
N PHE A 104 13.88 6.26 -11.95
CA PHE A 104 14.61 7.42 -12.43
C PHE A 104 16.12 7.30 -12.28
N THR A 105 16.62 6.17 -11.81
CA THR A 105 18.06 5.89 -11.76
C THR A 105 18.28 4.44 -12.18
N SER A 106 19.56 4.07 -12.40
CA SER A 106 19.91 2.71 -12.77
C SER A 106 20.64 1.99 -11.63
N PRO A 107 20.57 0.66 -11.57
CA PRO A 107 21.41 -0.06 -10.59
C PRO A 107 22.87 0.40 -10.68
N GLY A 108 23.44 0.73 -9.53
CA GLY A 108 24.81 1.19 -9.44
C GLY A 108 24.96 2.70 -9.45
N ASP A 109 23.94 3.44 -9.88
CA ASP A 109 24.01 4.89 -9.83
C ASP A 109 24.13 5.36 -8.39
N GLN A 110 24.67 6.55 -8.22
CA GLN A 110 24.83 7.18 -6.93
C GLN A 110 23.65 8.11 -6.69
N ILE A 111 23.22 8.14 -5.43
CA ILE A 111 22.10 9.02 -5.02
C ILE A 111 22.57 9.85 -3.83
N LEU A 112 22.47 11.16 -3.97
CA LEU A 112 23.03 12.08 -2.94
C LEU A 112 22.08 12.37 -1.79
N VAL A 113 22.63 12.26 -0.59
CA VAL A 113 21.89 12.61 0.63
C VAL A 113 22.79 13.58 1.40
N GLN A 114 22.23 14.18 2.44
CA GLN A 114 22.98 15.10 3.31
C GLN A 114 23.05 14.47 4.70
N GLU A 115 24.13 13.76 5.00
CA GLU A 115 24.24 13.10 6.29
C GLU A 115 24.48 14.14 7.39
N PRO A 116 23.99 13.90 8.61
CA PRO A 116 23.18 12.76 9.05
C PRO A 116 21.72 12.89 8.61
N VAL A 117 21.26 11.83 7.99
CA VAL A 117 19.91 11.91 7.46
C VAL A 117 19.21 10.65 7.85
N TYR A 118 17.88 10.74 7.85
CA TYR A 118 16.93 9.63 8.12
C TYR A 118 17.37 8.28 7.55
N ASN A 119 17.41 7.28 8.40
CA ASN A 119 17.88 5.92 8.00
C ASN A 119 17.17 5.29 6.81
N MET A 120 15.88 5.55 6.64
CA MET A 120 15.16 4.86 5.55
C MET A 120 15.64 5.36 4.19
N PHE A 121 16.21 6.57 4.15
CA PHE A 121 16.86 6.98 2.91
C PHE A 121 17.90 5.95 2.47
N TYR A 122 18.75 5.52 3.42
CA TYR A 122 19.76 4.52 3.09
C TYR A 122 19.12 3.20 2.72
N SER A 123 18.07 2.80 3.44
CA SER A 123 17.44 1.51 3.18
C SER A 123 16.84 1.46 1.78
N VAL A 124 16.23 2.55 1.33
CA VAL A 124 15.60 2.49 0.00
C VAL A 124 16.62 2.68 -1.11
N ILE A 125 17.69 3.45 -0.87
CA ILE A 125 18.73 3.61 -1.89
C ILE A 125 19.53 2.32 -2.01
N GLU A 126 20.10 1.87 -0.90
CA GLU A 126 20.95 0.68 -0.92
C GLU A 126 20.13 -0.59 -1.14
N GLY A 127 18.94 -0.67 -0.55
CA GLY A 127 18.10 -1.84 -0.77
C GLY A 127 17.75 -2.07 -2.22
N ASN A 128 17.67 -0.99 -3.00
CA ASN A 128 17.40 -1.08 -4.42
C ASN A 128 18.65 -1.15 -5.26
N GLY A 129 19.82 -1.22 -4.63
CA GLY A 129 21.04 -1.38 -5.39
C GLY A 129 21.58 -0.11 -5.99
N ARG A 130 21.24 1.03 -5.40
CA ARG A 130 21.91 2.28 -5.72
C ARG A 130 22.88 2.59 -4.59
N ARG A 131 23.81 3.52 -4.84
CA ARG A 131 24.89 3.76 -3.91
C ARG A 131 24.70 5.13 -3.26
N VAL A 132 24.74 5.16 -1.93
CA VAL A 132 24.65 6.43 -1.22
C VAL A 132 25.97 7.19 -1.36
N ILE A 133 25.87 8.47 -1.69
CA ILE A 133 26.97 9.42 -1.58
C ILE A 133 26.42 10.60 -0.79
N SER A 134 27.22 11.12 0.13
CA SER A 134 26.75 12.19 0.99
C SER A 134 27.63 13.43 0.81
N SER A 135 26.99 14.59 0.77
CA SER A 135 27.68 15.85 1.04
C SER A 135 27.28 16.15 2.49
N ASP A 136 28.14 15.75 3.42
CA ASP A 136 27.79 15.83 4.82
C ASP A 136 27.46 17.27 5.19
N LEU A 137 26.44 17.41 6.03
CA LEU A 137 26.16 18.73 6.59
C LEU A 137 27.30 19.00 7.59
N ILE A 138 27.85 20.20 7.57
CA ILE A 138 28.98 20.59 8.45
C ILE A 138 28.45 20.86 9.86
N TYR A 139 28.91 20.09 10.84
CA TYR A 139 28.56 20.34 12.27
C TYR A 139 29.71 21.14 12.90
N GLU A 140 29.71 22.45 12.65
CA GLU A 140 30.79 23.37 13.11
C GLU A 140 30.40 24.14 14.38
N ASN A 141 29.17 24.63 14.47
CA ASN A 141 28.84 25.29 15.77
C ASN A 141 27.97 24.31 16.55
N SER A 142 26.79 24.76 16.93
CA SER A 142 25.79 23.88 17.55
C SER A 142 24.81 23.85 16.39
N LYS A 143 25.36 23.67 15.20
CA LYS A 143 24.57 23.87 14.00
C LYS A 143 25.09 22.99 12.87
N TYR A 144 24.21 22.76 11.90
CA TYR A 144 24.53 22.05 10.66
C TYR A 144 24.40 23.02 9.49
N SER A 145 25.34 22.95 8.55
CA SER A 145 25.24 23.78 7.37
C SER A 145 25.80 23.04 6.17
N VAL A 146 25.50 23.57 4.98
CA VAL A 146 25.79 22.95 3.70
C VAL A 146 27.14 23.44 3.18
N ASN A 147 27.99 22.50 2.75
CA ASN A 147 29.18 22.82 1.98
C ASN A 147 28.78 22.94 0.52
N TRP A 148 28.47 24.16 0.10
CA TRP A 148 27.95 24.36 -1.24
C TRP A 148 28.96 23.95 -2.32
N ALA A 149 30.25 24.12 -2.04
CA ALA A 149 31.25 23.66 -3.00
C ALA A 149 31.23 22.14 -3.10
N ASP A 150 31.25 21.45 -1.96
CA ASP A 150 31.25 20.00 -1.96
C ASP A 150 29.95 19.45 -2.54
N LEU A 151 28.82 20.07 -2.20
CA LEU A 151 27.55 19.60 -2.74
C LEU A 151 27.53 19.67 -4.26
N GLU A 152 27.98 20.79 -4.84
CA GLU A 152 27.88 20.94 -6.28
C GLU A 152 28.76 19.95 -7.03
N GLU A 153 29.98 19.74 -6.54
CA GLU A 153 30.91 18.85 -7.23
C GLU A 153 30.41 17.43 -7.20
N LYS A 154 29.75 17.03 -6.11
CA LYS A 154 29.15 15.71 -6.08
C LYS A 154 27.93 15.66 -6.98
N LEU A 155 27.08 16.70 -6.95
CA LEU A 155 25.94 16.74 -7.86
C LEU A 155 26.40 16.67 -9.31
N ALA A 156 27.54 17.30 -9.61
CA ALA A 156 28.10 17.34 -10.96
C ALA A 156 28.75 16.03 -11.37
N THR A 157 28.98 15.12 -10.43
CA THR A 157 29.53 13.82 -10.79
C THR A 157 28.54 13.10 -11.70
N PRO A 158 28.98 12.57 -12.84
CA PRO A 158 28.01 12.00 -13.79
C PRO A 158 27.19 10.85 -13.21
N SER A 159 27.78 10.01 -12.36
CA SER A 159 27.06 8.88 -11.79
C SER A 159 26.07 9.31 -10.70
N VAL A 160 26.13 10.55 -10.22
CA VAL A 160 25.15 11.05 -9.26
C VAL A 160 23.91 11.50 -10.03
N ARG A 161 22.82 10.76 -9.88
CA ARG A 161 21.66 10.96 -10.73
C ARG A 161 20.46 11.54 -10.01
N MET A 162 20.47 11.54 -8.68
CA MET A 162 19.30 11.89 -7.90
C MET A 162 19.79 12.41 -6.56
N MET A 163 19.06 13.37 -6.01
CA MET A 163 19.28 13.81 -4.65
C MET A 163 18.01 13.58 -3.86
N VAL A 164 18.12 12.88 -2.74
CA VAL A 164 16.99 12.66 -1.85
C VAL A 164 17.19 13.63 -0.69
N PHE A 165 16.25 14.57 -0.61
CA PHE A 165 16.36 15.80 0.17
C PHE A 165 15.28 15.74 1.24
N CYS A 166 15.67 15.97 2.49
CA CYS A 166 14.75 15.92 3.62
C CYS A 166 14.44 17.34 4.02
N ASN A 167 13.21 17.78 3.78
CA ASN A 167 12.84 19.19 3.86
C ASN A 167 11.48 19.34 4.53
N PRO A 168 11.44 19.60 5.85
CA PRO A 168 12.51 19.82 6.82
C PRO A 168 13.34 18.58 7.09
N HIS A 169 14.53 18.84 7.62
CA HIS A 169 15.54 17.78 7.75
C HIS A 169 15.36 16.96 9.00
N ASN A 170 15.21 15.67 8.81
CA ASN A 170 15.09 14.70 9.92
C ASN A 170 16.38 13.86 9.89
N PRO A 171 17.16 13.66 10.99
CA PRO A 171 16.73 13.86 12.38
C PRO A 171 17.02 15.22 13.04
N ILE A 172 17.67 16.15 12.35
CA ILE A 172 18.14 17.41 13.00
C ILE A 172 17.02 18.42 13.22
N GLY A 173 15.89 18.22 12.56
CA GLY A 173 14.75 19.09 12.75
C GLY A 173 14.89 20.50 12.22
N TYR A 174 15.36 20.65 10.98
CA TYR A 174 15.66 21.95 10.41
C TYR A 174 14.87 22.15 9.12
N ALA A 175 14.02 23.18 9.10
CA ALA A 175 13.30 23.60 7.91
C ALA A 175 14.17 24.58 7.13
N TRP A 176 14.73 24.11 6.01
CA TRP A 176 15.62 24.92 5.17
C TRP A 176 14.99 26.26 4.81
N SER A 177 15.85 27.25 4.61
CA SER A 177 15.41 28.58 4.20
C SER A 177 15.02 28.58 2.73
N GLU A 178 14.25 29.61 2.35
CA GLU A 178 13.81 29.71 0.96
C GLU A 178 15.00 29.77 0.02
N GLU A 179 16.05 30.51 0.39
CA GLU A 179 17.26 30.56 -0.43
C GLU A 179 17.93 29.19 -0.52
N GLU A 180 17.91 28.43 0.58
CA GLU A 180 18.59 27.14 0.61
C GLU A 180 17.88 26.14 -0.29
N VAL A 181 16.55 26.06 -0.18
CA VAL A 181 15.80 25.12 -1.01
C VAL A 181 15.95 25.48 -2.48
N LYS A 182 15.86 26.78 -2.80
CA LYS A 182 15.95 27.21 -4.18
C LYS A 182 17.35 26.99 -4.73
N ARG A 183 18.38 27.20 -3.90
CA ARG A 183 19.74 26.98 -4.38
C ARG A 183 19.99 25.51 -4.63
N ILE A 184 19.47 24.65 -3.76
CA ILE A 184 19.64 23.21 -3.96
C ILE A 184 18.94 22.78 -5.24
N ALA A 185 17.71 23.26 -5.45
CA ALA A 185 16.97 22.84 -6.63
C ALA A 185 17.59 23.39 -7.91
N GLU A 186 18.13 24.62 -7.86
CA GLU A 186 18.86 25.15 -9.01
C GLU A 186 20.11 24.34 -9.32
N LEU A 187 20.87 23.92 -8.29
CA LEU A 187 22.07 23.13 -8.52
C LEU A 187 21.73 21.77 -9.10
N CYS A 188 20.65 21.14 -8.62
CA CYS A 188 20.21 19.86 -9.18
C CYS A 188 19.81 20.02 -10.63
N ALA A 189 19.02 21.06 -10.92
CA ALA A 189 18.62 21.31 -12.30
C ALA A 189 19.83 21.55 -13.19
N LYS A 190 20.79 22.33 -12.69
CA LYS A 190 21.97 22.70 -13.46
C LYS A 190 22.77 21.47 -13.87
N HIS A 191 22.75 20.44 -13.04
CA HIS A 191 23.48 19.21 -13.31
C HIS A 191 22.58 18.05 -13.68
N GLN A 192 21.30 18.34 -14.01
CA GLN A 192 20.35 17.33 -14.45
C GLN A 192 20.24 16.20 -13.44
N VAL A 193 20.16 16.59 -12.17
CA VAL A 193 19.92 15.69 -11.05
C VAL A 193 18.48 15.87 -10.59
N LEU A 194 17.77 14.77 -10.39
CA LEU A 194 16.41 14.84 -9.88
C LEU A 194 16.42 15.11 -8.38
N LEU A 195 15.66 16.12 -7.94
CA LEU A 195 15.54 16.47 -6.53
C LEU A 195 14.25 15.89 -5.98
N ILE A 196 14.37 14.89 -5.12
CA ILE A 196 13.24 14.28 -4.43
C ILE A 196 13.20 14.90 -3.04
N SER A 197 12.18 15.73 -2.78
CA SER A 197 12.12 16.52 -1.56
C SER A 197 11.10 15.87 -0.63
N ASP A 198 11.59 15.22 0.41
CA ASP A 198 10.77 14.53 1.39
C ASP A 198 10.29 15.60 2.36
N GLU A 199 9.02 15.99 2.23
CA GLU A 199 8.47 17.09 3.07
C GLU A 199 7.47 16.56 4.09
N ILE A 200 7.72 15.35 4.56
CA ILE A 200 6.77 14.71 5.45
C ILE A 200 6.74 15.40 6.81
N HIS A 201 7.78 16.15 7.16
CA HIS A 201 7.79 16.89 8.41
C HIS A 201 7.39 18.34 8.23
N GLY A 202 6.93 18.70 7.02
CA GLY A 202 6.73 20.09 6.65
C GLY A 202 5.59 20.79 7.37
N ASP A 203 4.61 20.03 7.87
CA ASP A 203 3.52 20.63 8.63
C ASP A 203 3.92 20.86 10.07
N LEU A 204 5.13 20.44 10.43
CA LEU A 204 5.55 20.47 11.85
C LEU A 204 6.63 21.51 12.13
N VAL A 205 6.62 22.61 11.40
CA VAL A 205 7.54 23.72 11.76
C VAL A 205 6.94 24.38 13.01
N LEU A 206 7.78 24.66 14.00
CA LEU A 206 7.30 25.17 15.30
C LEU A 206 7.56 26.67 15.37
N THR A 207 8.39 27.15 14.47
CA THR A 207 8.54 28.58 14.32
C THR A 207 7.63 29.06 13.18
N ASP A 208 7.43 30.38 13.14
CA ASP A 208 6.69 30.98 12.04
C ASP A 208 7.47 30.97 10.73
N GLU A 209 8.71 30.46 10.76
CA GLU A 209 9.54 30.33 9.53
C GLU A 209 9.02 29.16 8.70
N ASP A 210 8.06 29.38 7.82
CA ASP A 210 7.46 28.20 7.15
C ASP A 210 8.37 27.53 6.14
N ILE A 211 7.93 26.38 5.69
CA ILE A 211 8.78 25.57 4.78
C ILE A 211 8.69 26.12 3.37
N THR A 212 9.76 25.94 2.60
CA THR A 212 9.69 26.23 1.18
C THR A 212 9.57 24.90 0.47
N PRO A 213 8.39 24.50 0.06
CA PRO A 213 8.26 23.23 -0.67
C PRO A 213 9.03 23.28 -1.99
N ALA A 214 9.62 22.15 -2.36
CA ALA A 214 10.42 22.11 -3.57
C ALA A 214 9.61 22.53 -4.79
N PHE A 215 8.32 22.16 -4.84
CA PHE A 215 7.54 22.55 -6.01
C PHE A 215 7.36 24.06 -6.16
N THR A 216 7.80 24.86 -5.19
CA THR A 216 7.68 26.35 -5.30
C THR A 216 8.75 26.98 -6.18
N VAL A 217 9.86 26.27 -6.39
CA VAL A 217 11.02 26.79 -7.17
C VAL A 217 10.52 27.21 -8.54
N ASP A 218 11.09 28.28 -9.08
CA ASP A 218 10.50 28.84 -10.31
C ASP A 218 10.63 27.87 -11.46
N TRP A 219 9.93 28.07 -12.55
CA TRP A 219 9.98 27.13 -13.69
C TRP A 219 11.36 26.87 -14.26
N ASP A 220 11.37 25.89 -15.15
CA ASP A 220 12.61 25.37 -15.72
C ASP A 220 13.26 24.47 -14.59
N ALA A 221 13.75 24.98 -13.43
CA ALA A 221 14.28 24.13 -12.31
C ALA A 221 13.15 23.32 -11.66
N LYS A 222 11.98 23.89 -11.57
CA LYS A 222 10.75 23.20 -11.14
C LYS A 222 10.60 21.88 -11.93
N ASN A 223 11.15 21.83 -13.14
CA ASN A 223 11.05 20.58 -13.90
C ASN A 223 11.91 19.46 -13.34
N TRP A 224 12.71 19.73 -12.31
CA TRP A 224 13.61 18.72 -11.74
C TRP A 224 13.27 18.35 -10.30
N VAL A 225 12.10 18.75 -9.79
CA VAL A 225 11.78 18.50 -8.38
C VAL A 225 10.55 17.63 -8.27
N VAL A 226 10.52 16.87 -7.18
CA VAL A 226 9.32 16.19 -6.68
C VAL A 226 9.19 16.57 -5.21
N SER A 227 8.01 17.00 -4.80
CA SER A 227 7.70 17.16 -3.38
C SER A 227 6.84 15.98 -2.92
N LEU A 228 7.16 15.43 -1.76
CA LEU A 228 6.39 14.32 -1.18
C LEU A 228 5.85 14.74 0.18
N ILE A 229 4.54 14.64 0.37
CA ILE A 229 3.90 14.98 1.63
C ILE A 229 2.97 13.85 2.05
N SER A 230 2.53 13.91 3.30
CA SER A 230 1.60 12.93 3.83
C SER A 230 0.96 13.51 5.08
N PRO A 231 -0.27 13.11 5.42
CA PRO A 231 -0.81 13.45 6.73
C PRO A 231 -0.26 12.60 7.85
N SER A 232 0.60 11.61 7.55
CA SER A 232 0.93 10.56 8.51
C SER A 232 1.70 11.08 9.72
N LYS A 233 2.79 11.84 9.50
CA LYS A 233 3.54 12.38 10.63
C LYS A 233 2.75 13.50 11.30
N THR A 234 2.17 14.38 10.50
CA THR A 234 1.44 15.53 11.04
C THR A 234 0.32 15.10 11.97
N PHE A 235 -0.46 14.08 11.60
CA PHE A 235 -1.69 13.77 12.31
C PHE A 235 -1.68 12.43 13.02
N ASN A 236 -0.52 11.77 13.14
CA ASN A 236 -0.38 10.47 13.82
C ASN A 236 -1.12 9.36 13.07
N LEU A 237 -0.87 9.28 11.76
CA LEU A 237 -1.58 8.39 10.84
C LEU A 237 -0.61 7.54 10.04
N ALA A 238 0.45 7.04 10.68
CA ALA A 238 1.42 6.19 10.00
C ALA A 238 0.77 4.99 9.31
N ALA A 239 -0.27 4.42 9.91
CA ALA A 239 -0.88 3.24 9.33
C ALA A 239 -2.06 3.57 8.42
N LEU A 240 -2.29 4.86 8.14
CA LEU A 240 -3.33 5.23 7.20
C LEU A 240 -2.92 4.90 5.77
N HIS A 241 -1.64 5.12 5.45
CA HIS A 241 -1.09 4.85 4.12
C HIS A 241 -1.71 5.78 3.08
N ALA A 242 -1.68 7.07 3.38
CA ALA A 242 -2.03 8.14 2.45
C ALA A 242 -0.85 9.09 2.31
N ALA A 243 -0.56 9.46 1.07
CA ALA A 243 0.51 10.41 0.80
C ALA A 243 0.26 11.03 -0.56
N CYS A 244 1.12 11.96 -0.94
CA CYS A 244 0.88 12.62 -2.22
C CYS A 244 2.22 13.07 -2.77
N ALA A 245 2.45 12.76 -4.04
CA ALA A 245 3.60 13.29 -4.76
C ALA A 245 3.15 14.52 -5.52
N ILE A 246 3.97 15.56 -5.51
CA ILE A 246 3.68 16.80 -6.24
C ILE A 246 4.80 16.99 -7.23
N ILE A 247 4.49 16.80 -8.51
CA ILE A 247 5.49 16.69 -9.56
C ILE A 247 5.15 17.65 -10.69
N PRO A 248 5.71 18.89 -10.70
CA PRO A 248 5.34 19.82 -11.74
C PRO A 248 5.59 19.33 -13.17
N ASN A 249 6.73 18.68 -13.39
CA ASN A 249 7.09 18.18 -14.71
C ASN A 249 6.12 17.05 -15.08
N PRO A 250 5.34 17.18 -16.16
CA PRO A 250 4.29 16.18 -16.40
C PRO A 250 4.78 14.90 -17.03
N ASP A 251 5.91 14.93 -17.74
CA ASP A 251 6.53 13.67 -18.17
C ASP A 251 6.99 12.87 -16.96
N LEU A 252 7.76 13.51 -16.09
CA LEU A 252 8.19 12.88 -14.85
C LEU A 252 6.99 12.42 -14.04
N ARG A 253 5.94 13.24 -14.02
CA ARG A 253 4.76 12.89 -13.23
C ARG A 253 4.09 11.63 -13.76
N ALA A 254 3.92 11.56 -15.09
CA ALA A 254 3.31 10.35 -15.65
C ALA A 254 4.16 9.11 -15.36
N ARG A 255 5.49 9.25 -15.41
CA ARG A 255 6.33 8.09 -15.14
C ARG A 255 6.29 7.68 -13.67
N ALA A 256 6.29 8.65 -12.75
CA ALA A 256 6.21 8.28 -11.34
C ALA A 256 4.86 7.64 -11.02
N GLU A 257 3.77 8.14 -11.63
CA GLU A 257 2.45 7.56 -11.38
C GLU A 257 2.41 6.10 -11.80
N GLU A 258 3.03 5.77 -12.93
CA GLU A 258 3.12 4.37 -13.35
C GLU A 258 4.00 3.57 -12.40
N SER A 259 5.14 4.13 -11.96
CA SER A 259 5.97 3.43 -10.98
C SER A 259 5.19 3.13 -9.71
N PHE A 260 4.36 4.08 -9.25
CA PHE A 260 3.54 3.83 -8.07
C PHE A 260 2.56 2.70 -8.31
N PHE A 261 1.88 2.75 -9.46
CA PHE A 261 0.93 1.68 -9.81
C PHE A 261 1.60 0.31 -9.76
N LEU A 262 2.78 0.19 -10.38
CA LEU A 262 3.46 -1.10 -10.44
C LEU A 262 4.02 -1.54 -9.10
N ALA A 263 4.36 -0.61 -8.21
CA ALA A 263 4.83 -1.00 -6.87
C ALA A 263 3.66 -1.48 -6.02
N GLY A 264 2.46 -1.10 -6.40
CA GLY A 264 1.27 -1.44 -5.61
C GLY A 264 0.99 -0.38 -4.56
N ILE A 265 1.42 0.85 -4.82
CA ILE A 265 1.26 1.96 -3.86
C ILE A 265 0.44 3.09 -4.50
N GLY A 266 -0.20 2.80 -5.61
CA GLY A 266 -0.91 3.86 -6.33
C GLY A 266 -2.41 3.88 -6.09
N GLU A 267 -2.93 2.88 -5.38
CA GLU A 267 -4.37 2.73 -5.17
C GLU A 267 -4.69 2.96 -3.71
N PRO A 268 -5.63 3.85 -3.38
CA PRO A 268 -5.90 4.10 -1.96
C PRO A 268 -6.62 2.93 -1.31
N ASN A 269 -6.30 2.67 -0.04
CA ASN A 269 -7.04 1.69 0.74
C ASN A 269 -8.37 2.31 1.17
N LEU A 270 -9.10 1.60 2.02
CA LEU A 270 -10.49 2.00 2.39
C LEU A 270 -10.64 3.30 3.17
N LEU A 271 -9.58 3.81 3.79
CA LEU A 271 -9.75 5.02 4.64
C LEU A 271 -8.87 6.16 4.13
N ALA A 272 -7.88 5.85 3.30
CA ALA A 272 -6.90 6.85 2.87
C ALA A 272 -7.55 8.14 2.33
N ILE A 273 -8.49 8.00 1.43
CA ILE A 273 -9.03 9.20 0.78
C ILE A 273 -9.87 10.03 1.77
N PRO A 274 -10.95 9.51 2.38
CA PRO A 274 -11.75 10.40 3.24
C PRO A 274 -10.97 10.91 4.44
N ALA A 275 -10.10 10.08 5.02
CA ALA A 275 -9.37 10.52 6.21
C ALA A 275 -8.34 11.60 5.86
N ALA A 276 -7.59 11.41 4.76
CA ALA A 276 -6.64 12.46 4.36
C ALA A 276 -7.37 13.75 3.99
N ILE A 277 -8.51 13.64 3.29
CA ILE A 277 -9.26 14.85 2.94
C ILE A 277 -9.69 15.60 4.20
N ALA A 278 -10.16 14.86 5.22
CA ALA A 278 -10.59 15.48 6.48
C ALA A 278 -9.42 16.15 7.19
N ALA A 279 -8.28 15.44 7.23
CA ALA A 279 -7.06 16.01 7.80
C ALA A 279 -6.71 17.33 7.13
N TYR A 280 -6.72 17.37 5.80
CA TYR A 280 -6.27 18.55 5.07
C TYR A 280 -7.31 19.65 5.00
N GLU A 281 -8.60 19.30 5.08
CA GLU A 281 -9.63 20.34 5.09
C GLU A 281 -9.94 20.82 6.50
N GLU A 282 -9.87 19.94 7.48
CA GLU A 282 -10.39 20.24 8.80
C GLU A 282 -9.35 20.13 9.92
N GLY A 283 -8.12 19.72 9.62
CA GLY A 283 -7.18 19.48 10.68
C GLY A 283 -6.38 20.68 11.14
N HIS A 284 -6.68 21.87 10.59
CA HIS A 284 -5.91 23.07 10.91
C HIS A 284 -5.90 23.37 12.40
N ASN A 285 -7.07 23.30 13.02
CA ASN A 285 -7.17 23.70 14.43
C ASN A 285 -6.46 22.71 15.33
N TRP A 286 -6.63 21.40 15.06
CA TRP A 286 -5.94 20.40 15.87
C TRP A 286 -4.42 20.52 15.73
N LEU A 287 -3.93 20.89 14.55
CA LEU A 287 -2.45 20.98 14.37
C LEU A 287 -1.92 22.21 15.12
N ARG A 288 -2.69 23.28 15.13
CA ARG A 288 -2.28 24.53 15.82
C ARG A 288 -2.03 24.20 17.30
N GLU A 289 -2.95 23.45 17.89
CA GLU A 289 -2.83 23.04 19.30
C GLU A 289 -1.72 22.01 19.47
N LEU A 290 -1.54 21.14 18.47
CA LEU A 290 -0.44 20.19 18.57
C LEU A 290 0.92 20.89 18.69
N LYS A 291 1.22 21.82 17.78
CA LYS A 291 2.50 22.51 17.81
C LYS A 291 2.70 23.21 19.14
N GLN A 292 1.60 23.72 19.68
CA GLN A 292 1.59 24.30 21.01
C GLN A 292 2.07 23.32 22.06
N VAL A 293 1.48 22.13 22.09
CA VAL A 293 1.93 21.09 23.08
C VAL A 293 3.38 20.70 22.77
N LEU A 294 3.75 20.66 21.49
CA LEU A 294 5.12 20.33 21.13
C LEU A 294 6.09 21.39 21.63
N ARG A 295 5.71 22.65 21.50
CA ARG A 295 6.59 23.75 21.92
C ARG A 295 6.76 23.72 23.44
N ASP A 296 5.74 23.30 24.18
CA ASP A 296 5.84 23.22 25.65
C ASP A 296 6.74 22.05 26.07
N ASN A 297 6.62 20.91 25.37
CA ASN A 297 7.42 19.72 25.70
C ASN A 297 8.89 20.01 25.38
N PHE A 298 9.16 20.64 24.25
CA PHE A 298 10.52 21.05 23.92
C PHE A 298 11.06 22.05 24.95
N ALA A 299 10.24 23.01 25.36
CA ALA A 299 10.67 23.97 26.37
C ALA A 299 10.98 23.28 27.69
N TYR A 300 10.08 22.41 28.15
CA TYR A 300 10.38 21.61 29.33
C TYR A 300 11.63 20.75 29.12
N ALA A 301 11.72 20.11 27.95
CA ALA A 301 12.86 19.23 27.68
C ALA A 301 14.17 19.99 27.74
N ARG A 302 14.19 21.15 27.11
CA ARG A 302 15.45 21.91 27.02
C ARG A 302 15.84 22.43 28.40
N GLU A 303 14.86 22.87 29.19
CA GLU A 303 15.16 23.49 30.49
C GLU A 303 15.65 22.41 31.46
N PHE A 304 14.92 21.31 31.56
CA PHE A 304 15.32 20.19 32.45
C PHE A 304 16.74 19.77 32.08
N LEU A 305 17.00 19.57 30.80
CA LEU A 305 18.32 19.06 30.44
C LEU A 305 19.40 20.13 30.62
N ALA A 306 19.06 21.41 30.46
CA ALA A 306 20.07 22.43 30.68
C ALA A 306 20.44 22.54 32.16
N LYS A 307 19.45 22.37 33.03
CA LYS A 307 19.67 22.52 34.49
C LYS A 307 20.09 21.21 35.16
N GLU A 308 19.70 20.06 34.63
CA GLU A 308 19.95 18.80 35.36
C GLU A 308 20.90 17.87 34.60
N VAL A 309 21.01 18.00 33.29
CA VAL A 309 21.96 17.17 32.48
C VAL A 309 22.78 18.13 31.61
N PRO A 310 23.54 19.11 32.15
CA PRO A 310 24.25 20.07 31.30
C PRO A 310 25.29 19.43 30.39
N GLU A 311 25.64 18.16 30.64
CA GLU A 311 26.57 17.41 29.82
C GLU A 311 25.98 17.02 28.45
N VAL A 312 24.67 17.17 28.26
CA VAL A 312 24.03 16.96 26.97
C VAL A 312 23.54 18.31 26.46
N LYS A 313 23.30 18.40 25.14
CA LYS A 313 22.77 19.64 24.53
C LYS A 313 21.63 19.38 23.54
N VAL A 314 20.40 19.82 23.84
CA VAL A 314 19.27 19.71 22.87
C VAL A 314 19.53 20.75 21.79
N LEU A 315 19.74 20.30 20.55
CA LEU A 315 20.11 21.29 19.52
C LEU A 315 18.96 22.22 19.21
N ASP A 316 19.30 23.43 18.77
CA ASP A 316 18.25 24.36 18.30
C ASP A 316 17.54 23.68 17.13
N SER A 317 16.25 23.50 17.24
CA SER A 317 15.43 22.87 16.20
C SER A 317 14.23 23.76 15.91
N ASN A 318 13.86 23.84 14.63
CA ASN A 318 12.72 24.66 14.23
C ASN A 318 11.61 23.84 13.57
N ALA A 319 11.74 22.51 13.51
CA ALA A 319 10.73 21.69 12.88
C ALA A 319 10.82 20.26 13.41
N SER A 320 9.69 19.55 13.35
CA SER A 320 9.51 18.17 13.78
C SER A 320 9.25 18.07 15.27
N TYR A 321 8.80 16.90 15.73
CA TYR A 321 8.58 16.65 17.17
C TYR A 321 9.73 15.78 17.70
N LEU A 322 10.80 15.70 16.92
CA LEU A 322 11.96 14.88 17.32
C LEU A 322 13.11 15.76 17.82
N ALA A 323 13.51 15.57 19.08
CA ALA A 323 14.65 16.32 19.67
C ALA A 323 15.97 15.66 19.29
N TRP A 324 16.92 16.43 18.75
CA TRP A 324 18.25 15.93 18.33
C TRP A 324 19.19 16.39 19.43
N VAL A 325 19.61 15.46 20.26
CA VAL A 325 20.37 15.81 21.47
C VAL A 325 21.82 15.38 21.31
N ASP A 326 22.73 16.33 21.48
CA ASP A 326 24.16 16.04 21.47
C ASP A 326 24.55 15.39 22.79
N ILE A 327 24.98 14.13 22.74
CA ILE A 327 25.45 13.42 23.96
C ILE A 327 26.96 13.21 23.90
N SER A 328 27.66 13.94 23.01
CA SER A 328 29.12 13.75 22.77
C SER A 328 29.93 13.93 24.06
N ALA A 329 29.53 14.91 24.86
CA ALA A 329 30.26 15.21 26.11
C ALA A 329 30.03 14.08 27.13
N LEU A 330 29.06 13.20 26.92
CA LEU A 330 28.92 12.06 27.84
C LEU A 330 30.00 11.03 27.52
N GLY A 331 30.60 11.14 26.34
CA GLY A 331 31.71 10.27 25.92
C GLY A 331 31.28 8.88 25.57
N MET A 332 29.98 8.66 25.36
CA MET A 332 29.46 7.32 25.10
C MET A 332 28.85 7.28 23.71
N ASN A 333 29.14 6.22 22.98
CA ASN A 333 28.50 6.03 21.70
C ASN A 333 26.97 6.00 21.88
N ALA A 334 26.26 6.62 20.96
CA ALA A 334 24.78 6.74 21.10
C ALA A 334 24.08 5.39 21.28
N GLU A 335 24.42 4.40 20.49
CA GLU A 335 23.72 3.13 20.61
C GLU A 335 23.99 2.49 21.97
N ASP A 336 25.27 2.45 22.38
CA ASP A 336 25.60 1.96 23.71
C ASP A 336 24.81 2.72 24.77
N PHE A 337 24.75 4.05 24.65
CA PHE A 337 24.03 4.86 25.61
C PHE A 337 22.55 4.53 25.60
N CYS A 338 21.97 4.39 24.42
CA CYS A 338 20.54 4.09 24.32
C CYS A 338 20.23 2.71 24.90
N LYS A 339 21.11 1.73 24.65
CA LYS A 339 20.93 0.40 25.23
C LYS A 339 21.01 0.46 26.75
N TYR A 340 22.08 1.09 27.26
CA TYR A 340 22.23 1.27 28.70
C TYR A 340 21.00 1.95 29.31
N LEU A 341 20.47 2.96 28.62
CA LEU A 341 19.29 3.67 29.10
C LEU A 341 18.10 2.73 29.28
N ARG A 342 17.76 1.97 28.23
CA ARG A 342 16.63 1.05 28.35
C ARG A 342 16.87 0.02 29.45
N GLU A 343 18.10 -0.48 29.57
CA GLU A 343 18.38 -1.52 30.55
C GLU A 343 18.22 -0.99 31.97
N LYS A 344 18.75 0.21 32.24
CA LYS A 344 18.71 0.73 33.61
C LYS A 344 17.36 1.37 33.94
N THR A 345 16.77 2.11 33.01
CA THR A 345 15.62 2.95 33.30
C THR A 345 14.36 2.59 32.53
N GLY A 346 14.46 1.77 31.50
CA GLY A 346 13.32 1.46 30.66
C GLY A 346 13.00 2.52 29.63
N LEU A 347 13.79 3.60 29.54
CA LEU A 347 13.58 4.63 28.53
C LEU A 347 14.19 4.18 27.21
N ILE A 348 13.39 4.22 26.15
CA ILE A 348 13.81 3.75 24.83
C ILE A 348 13.80 4.96 23.91
N ILE A 349 14.99 5.40 23.51
CA ILE A 349 15.11 6.50 22.55
C ILE A 349 15.98 6.04 21.38
N SER A 350 16.00 6.85 20.33
CA SER A 350 16.63 6.47 19.08
C SER A 350 18.11 6.88 19.11
N ALA A 351 18.98 5.90 18.91
CA ALA A 351 20.40 6.19 18.75
C ALA A 351 20.63 6.88 17.41
N GLY A 352 21.60 7.80 17.40
CA GLY A 352 21.83 8.53 16.16
C GLY A 352 22.60 7.77 15.11
N ASN A 353 23.18 6.63 15.49
CA ASN A 353 24.10 5.93 14.60
C ASN A 353 23.48 5.63 13.25
N GLY A 354 22.21 5.23 13.24
CA GLY A 354 21.57 4.81 12.02
C GLY A 354 21.33 5.92 11.01
N TYR A 355 21.46 7.17 11.46
CA TYR A 355 21.27 8.34 10.57
C TYR A 355 22.62 8.65 9.96
N ARG A 356 23.63 7.90 10.40
CA ARG A 356 25.01 8.07 9.93
C ARG A 356 25.50 9.51 10.18
N GLY A 357 26.33 10.04 9.29
CA GLY A 357 26.95 11.35 9.57
C GLY A 357 27.64 11.28 10.91
N ASN A 358 27.45 12.28 11.77
CA ASN A 358 27.98 12.23 13.13
C ASN A 358 26.95 11.71 14.12
N GLY A 359 26.05 10.85 13.69
CA GLY A 359 24.96 10.41 14.58
C GLY A 359 25.41 9.61 15.79
N HIS A 360 26.65 9.10 15.77
CA HIS A 360 27.17 8.37 16.95
C HIS A 360 27.22 9.30 18.17
N GLU A 361 27.24 10.61 17.96
CA GLU A 361 27.30 11.60 19.07
C GLU A 361 25.90 12.19 19.35
N PHE A 362 24.83 11.53 18.87
CA PHE A 362 23.51 12.14 19.05
C PHE A 362 22.47 11.10 19.40
N VAL A 363 21.42 11.53 20.12
CA VAL A 363 20.21 10.75 20.29
C VAL A 363 19.03 11.56 19.74
N ARG A 364 17.97 10.86 19.39
CA ARG A 364 16.73 11.47 18.90
C ARG A 364 15.60 11.06 19.82
N ILE A 365 14.92 12.04 20.41
CA ILE A 365 13.89 11.79 21.41
C ILE A 365 12.56 12.29 20.86
N ASN A 366 11.55 11.42 20.91
CA ASN A 366 10.21 11.73 20.42
C ASN A 366 9.42 12.43 21.54
N LEU A 367 9.11 13.72 21.34
CA LEU A 367 8.37 14.50 22.31
C LEU A 367 6.88 14.63 21.99
N ALA A 368 6.39 13.93 20.95
CA ALA A 368 4.97 13.95 20.63
C ALA A 368 4.22 13.02 21.58
N CYS A 369 4.25 13.36 22.87
CA CYS A 369 3.55 12.60 23.89
C CYS A 369 3.05 13.58 24.94
N PRO A 370 2.10 13.17 25.77
CA PRO A 370 1.65 14.04 26.86
C PRO A 370 2.81 14.48 27.74
N LYS A 371 2.67 15.69 28.29
CA LYS A 371 3.76 16.26 29.08
C LYS A 371 4.22 15.32 30.17
N GLU A 372 3.31 14.56 30.77
CA GLU A 372 3.64 13.62 31.87
C GLU A 372 4.63 12.55 31.40
N LEU A 373 4.52 12.11 30.16
CA LEU A 373 5.50 11.16 29.66
C LEU A 373 6.84 11.84 29.34
N VAL A 374 6.83 13.14 29.01
CA VAL A 374 8.08 13.87 28.88
C VAL A 374 8.77 13.98 30.24
N ILE A 375 8.00 14.29 31.28
CA ILE A 375 8.54 14.38 32.64
C ILE A 375 9.19 13.05 33.04
N ASP A 376 8.45 11.95 32.85
CA ASP A 376 8.99 10.62 33.08
C ASP A 376 10.29 10.40 32.29
N GLY A 377 10.22 10.56 30.97
CA GLY A 377 11.39 10.30 30.13
C GLY A 377 12.58 11.15 30.49
N MET A 378 12.34 12.43 30.80
CA MET A 378 13.45 13.29 31.19
C MET A 378 14.05 12.87 32.53
N GLN A 379 13.20 12.45 33.48
CA GLN A 379 13.70 11.94 34.75
C GLN A 379 14.52 10.67 34.56
N ARG A 380 14.07 9.77 33.67
CA ARG A 380 14.81 8.54 33.42
C ARG A 380 16.15 8.80 32.75
N LEU A 381 16.22 9.79 31.87
CA LEU A 381 17.49 10.12 31.19
C LEU A 381 18.50 10.55 32.25
N LYS A 382 18.06 11.41 33.14
CA LYS A 382 18.97 11.96 34.17
C LYS A 382 19.42 10.85 35.10
N GLN A 383 18.48 9.97 35.48
CA GLN A 383 18.81 8.87 36.40
C GLN A 383 19.88 8.00 35.74
N GLY A 384 19.75 7.83 34.42
CA GLY A 384 20.73 7.02 33.71
C GLY A 384 22.07 7.71 33.57
N VAL A 385 22.06 9.04 33.42
CA VAL A 385 23.32 9.77 33.36
C VAL A 385 24.00 9.79 34.72
N LEU A 386 23.21 9.85 35.79
CA LEU A 386 23.79 9.93 37.12
C LEU A 386 24.44 8.62 37.53
N ASN A 387 23.85 7.48 37.16
CA ASN A 387 24.44 6.21 37.55
C ASN A 387 25.72 5.93 36.79
N LEU A 388 25.91 6.51 35.61
CA LEU A 388 27.19 6.42 34.95
C LEU A 388 28.29 7.07 35.78
N ASN A 389 27.92 7.99 36.67
CA ASN A 389 28.86 8.67 37.54
C ASN A 389 28.94 8.05 38.92
N ASN A 390 28.21 6.97 39.18
CA ASN A 390 28.19 6.31 40.48
C ASN A 390 28.30 4.79 40.41
N GLU B 3 -34.78 -18.39 6.36
CA GLU B 3 -34.40 -17.00 6.52
C GLU B 3 -32.88 -16.81 6.57
N LYS B 4 -32.40 -15.75 5.92
CA LYS B 4 -30.95 -15.43 5.89
C LYS B 4 -30.60 -14.55 7.10
N GLN B 5 -29.47 -14.83 7.75
CA GLN B 5 -29.12 -14.07 8.98
C GLN B 5 -28.54 -12.73 8.54
N TYR B 6 -28.07 -12.71 7.30
CA TYR B 6 -27.35 -11.53 6.80
C TYR B 6 -28.14 -10.89 5.67
N ASP B 7 -27.75 -9.68 5.30
CA ASP B 7 -28.45 -8.89 4.28
C ASP B 7 -27.71 -9.04 2.96
N PHE B 8 -28.35 -9.69 2.00
CA PHE B 8 -27.87 -9.73 0.62
C PHE B 8 -28.86 -9.04 -0.32
N THR B 9 -29.68 -8.13 0.22
CA THR B 9 -30.72 -7.45 -0.53
C THR B 9 -30.41 -5.99 -0.78
N HIS B 10 -29.73 -5.32 0.13
CA HIS B 10 -29.57 -3.87 0.08
C HIS B 10 -28.19 -3.51 -0.47
N VAL B 11 -28.17 -2.69 -1.50
CA VAL B 11 -26.89 -2.25 -2.06
C VAL B 11 -26.24 -1.27 -1.09
N PRO B 12 -24.92 -1.41 -0.80
CA PRO B 12 -24.25 -0.41 0.00
C PRO B 12 -24.30 0.99 -0.59
N LYS B 13 -24.38 1.97 0.30
CA LYS B 13 -24.41 3.39 -0.11
C LYS B 13 -22.96 3.87 -0.16
N ARG B 14 -22.42 3.85 -1.35
CA ARG B 14 -21.00 4.18 -1.52
C ARG B 14 -20.69 5.68 -1.62
N GLN B 15 -19.46 6.01 -1.32
CA GLN B 15 -19.01 7.38 -1.48
C GLN B 15 -18.64 7.63 -2.95
N GLY B 16 -18.38 8.89 -3.27
CA GLY B 16 -18.28 9.29 -4.66
C GLY B 16 -17.10 8.71 -5.43
N ASN B 17 -16.01 8.34 -4.75
CA ASN B 17 -14.79 7.90 -5.43
C ASN B 17 -14.77 6.38 -5.64
N SER B 18 -15.92 5.73 -5.66
CA SER B 18 -16.00 4.31 -5.97
C SER B 18 -15.69 4.06 -7.44
N ILE B 19 -14.83 3.08 -7.72
CA ILE B 19 -14.54 2.78 -9.12
C ILE B 19 -15.76 2.17 -9.80
N LYS B 20 -16.47 1.29 -9.11
CA LYS B 20 -17.61 0.61 -9.73
C LYS B 20 -18.79 1.56 -9.91
N TRP B 21 -19.08 2.39 -8.91
CA TRP B 21 -20.30 3.18 -8.90
C TRP B 21 -20.07 4.69 -8.98
N GLY B 22 -18.82 5.14 -9.00
CA GLY B 22 -18.54 6.56 -9.07
C GLY B 22 -18.63 7.07 -10.50
N GLY B 23 -19.05 8.30 -10.75
CA GLY B 23 -18.96 8.84 -12.12
C GLY B 23 -19.91 8.21 -13.11
N LEU B 24 -21.08 7.82 -12.63
CA LEU B 24 -22.07 7.16 -13.49
C LEU B 24 -23.18 8.13 -13.91
N GLU B 26 -27.36 8.57 -14.68
CA GLU B 26 -28.56 8.12 -13.94
C GLU B 26 -28.99 6.76 -14.44
N LYS B 27 -29.30 5.85 -13.50
CA LYS B 27 -29.85 4.56 -13.85
C LYS B 27 -28.81 3.67 -14.53
N GLU B 28 -27.56 4.10 -14.64
CA GLU B 28 -26.57 3.20 -15.21
C GLU B 28 -26.30 2.07 -14.21
N LEU B 29 -26.00 0.90 -14.74
CA LEU B 29 -25.86 -0.31 -13.93
C LEU B 29 -24.48 -0.92 -14.17
N PRO B 30 -23.52 -0.73 -13.27
CA PRO B 30 -22.18 -1.30 -13.47
C PRO B 30 -22.16 -2.74 -13.02
N MET B 31 -21.77 -3.64 -13.92
CA MET B 31 -21.56 -5.05 -13.60
C MET B 31 -20.22 -5.52 -14.14
N TRP B 32 -19.19 -4.68 -14.02
CA TRP B 32 -17.94 -4.98 -14.71
C TRP B 32 -16.86 -5.38 -13.70
N ILE B 33 -16.33 -4.40 -12.97
CA ILE B 33 -15.19 -4.64 -12.08
C ILE B 33 -15.58 -5.60 -10.95
N ALA B 34 -14.63 -6.43 -10.52
CA ALA B 34 -14.89 -7.54 -9.59
C ALA B 34 -14.88 -7.06 -8.14
N GLU B 35 -15.97 -6.38 -7.77
CA GLU B 35 -16.33 -6.15 -6.37
C GLU B 35 -17.83 -6.37 -6.25
N MET B 36 -18.28 -6.70 -5.04
CA MET B 36 -19.67 -7.05 -4.85
C MET B 36 -20.52 -5.83 -4.50
N ASP B 37 -21.83 -5.99 -4.68
CA ASP B 37 -22.80 -5.00 -4.22
C ASP B 37 -23.59 -5.53 -3.04
N PHE B 38 -22.90 -6.21 -2.13
CA PHE B 38 -23.45 -6.64 -0.85
C PHE B 38 -22.70 -5.97 0.28
N ARG B 39 -23.40 -5.77 1.39
CA ARG B 39 -22.75 -5.39 2.64
C ARG B 39 -21.85 -6.51 3.14
N ILE B 40 -20.78 -6.12 3.85
CA ILE B 40 -19.87 -7.14 4.36
C ILE B 40 -20.42 -7.78 5.61
N ALA B 41 -19.82 -8.90 6.02
CA ALA B 41 -20.27 -9.63 7.20
C ALA B 41 -20.20 -8.72 8.43
N PRO B 42 -21.25 -8.69 9.27
CA PRO B 42 -21.20 -7.79 10.44
C PRO B 42 -20.12 -8.16 11.44
N GLU B 43 -19.68 -9.43 11.46
CA GLU B 43 -18.53 -9.80 12.30
C GLU B 43 -17.28 -9.06 11.88
N ILE B 44 -17.12 -8.78 10.58
CA ILE B 44 -15.96 -8.00 10.14
C ILE B 44 -16.14 -6.54 10.53
N MET B 45 -17.34 -6.01 10.35
CA MET B 45 -17.61 -4.58 10.68
C MET B 45 -17.34 -4.35 12.18
N THR B 46 -17.77 -5.29 13.01
CA THR B 46 -17.50 -5.18 14.44
C THR B 46 -16.01 -5.06 14.72
N SER B 47 -15.20 -5.83 14.02
CA SER B 47 -13.75 -5.80 14.28
C SER B 47 -13.17 -4.47 13.84
N MET B 48 -13.67 -3.91 12.74
CA MET B 48 -13.16 -2.63 12.25
C MET B 48 -13.52 -1.51 13.20
N GLU B 49 -14.76 -1.50 13.68
CA GLU B 49 -15.19 -0.43 14.58
C GLU B 49 -14.46 -0.52 15.90
N GLU B 50 -14.10 -1.72 16.35
CA GLU B 50 -13.33 -1.84 17.58
C GLU B 50 -11.91 -1.30 17.41
N LYS B 51 -11.28 -1.57 16.27
CA LYS B 51 -9.95 -1.07 16.03
C LYS B 51 -9.95 0.46 15.96
N LEU B 52 -11.02 1.05 15.45
CA LEU B 52 -11.06 2.49 15.31
C LEU B 52 -11.07 3.21 16.64
N LYS B 53 -11.52 2.56 17.72
CA LYS B 53 -11.52 3.14 19.05
C LYS B 53 -10.12 3.45 19.57
N VAL B 54 -9.08 2.78 19.05
CA VAL B 54 -7.73 3.13 19.45
C VAL B 54 -7.50 4.62 19.25
N ALA B 55 -8.03 5.16 18.14
CA ALA B 55 -8.01 6.59 17.85
C ALA B 55 -6.59 7.11 17.72
N ALA B 56 -5.67 6.22 17.36
CA ALA B 56 -4.29 6.57 17.03
C ALA B 56 -3.76 5.41 16.20
N PHE B 57 -3.16 5.73 15.06
CA PHE B 57 -2.84 4.71 14.08
C PHE B 57 -1.38 4.81 13.68
N GLY B 58 -0.52 4.46 14.63
CA GLY B 58 0.90 4.35 14.40
C GLY B 58 1.24 3.04 13.73
N TYR B 59 2.52 2.67 13.80
CA TYR B 59 3.02 1.58 12.99
C TYR B 59 2.57 0.23 13.55
N GLU B 60 2.24 -0.70 12.67
CA GLU B 60 1.71 -2.01 13.04
C GLU B 60 2.69 -3.13 12.72
N SER B 61 2.79 -4.11 13.63
CA SER B 61 3.43 -5.38 13.35
C SER B 61 2.39 -6.37 12.83
N VAL B 62 2.86 -7.50 12.30
CA VAL B 62 1.98 -8.59 11.89
C VAL B 62 1.98 -9.60 12.96
N PRO B 63 0.88 -9.85 13.68
CA PRO B 63 0.85 -10.77 14.80
C PRO B 63 0.65 -12.21 14.33
N ALA B 64 1.09 -13.13 15.19
CA ALA B 64 0.93 -14.56 14.93
C ALA B 64 -0.52 -14.93 14.69
N GLU B 65 -1.46 -14.22 15.34
CA GLU B 65 -2.88 -14.50 15.18
C GLU B 65 -3.34 -14.29 13.74
N TYR B 66 -2.66 -13.42 12.99
CA TYR B 66 -3.00 -13.25 11.57
C TYR B 66 -2.74 -14.53 10.80
N TYR B 67 -1.56 -15.12 10.98
CA TYR B 67 -1.20 -16.33 10.26
C TYR B 67 -2.00 -17.53 10.76
N LYS B 68 -2.29 -17.59 12.06
CA LYS B 68 -3.14 -18.66 12.56
C LYS B 68 -4.54 -18.57 11.94
N ALA B 69 -5.06 -17.36 11.80
CA ALA B 69 -6.38 -17.16 11.17
C ALA B 69 -6.35 -17.67 9.72
N VAL B 70 -5.32 -17.29 8.99
CA VAL B 70 -5.19 -17.73 7.58
C VAL B 70 -5.13 -19.27 7.53
N ALA B 71 -4.28 -19.86 8.34
CA ALA B 71 -4.12 -21.33 8.37
C ALA B 71 -5.43 -22.02 8.76
N ASP B 72 -6.09 -21.52 9.80
CA ASP B 72 -7.38 -22.10 10.18
C ASP B 72 -8.38 -22.03 9.05
N TRP B 73 -8.48 -20.87 8.43
CA TRP B 73 -9.44 -20.71 7.31
C TRP B 73 -9.15 -21.73 6.20
N GLU B 74 -7.90 -21.81 5.77
CA GLU B 74 -7.53 -22.69 4.65
C GLU B 74 -7.85 -24.15 5.00
N GLU B 75 -7.69 -24.50 6.26
CA GLU B 75 -7.96 -25.88 6.71
C GLU B 75 -9.46 -26.16 6.70
N ILE B 76 -10.25 -25.25 7.23
CA ILE B 76 -11.71 -25.51 7.37
C ILE B 76 -12.43 -25.37 6.05
N GLU B 77 -12.06 -24.40 5.24
CA GLU B 77 -12.80 -24.20 3.98
C GLU B 77 -12.26 -25.10 2.87
N HIS B 78 -10.94 -25.31 2.81
CA HIS B 78 -10.33 -26.04 1.68
C HIS B 78 -9.62 -27.34 2.05
N ARG B 79 -9.63 -27.74 3.32
CA ARG B 79 -9.02 -29.03 3.77
C ARG B 79 -7.52 -29.00 3.52
N ALA B 80 -6.92 -27.84 3.73
CA ALA B 80 -5.48 -27.65 3.45
C ALA B 80 -4.88 -26.66 4.42
N ARG B 81 -4.22 -27.15 5.45
CA ARG B 81 -3.70 -26.22 6.45
C ARG B 81 -2.25 -25.87 6.12
N PRO B 82 -1.91 -24.62 5.73
CA PRO B 82 -0.54 -24.25 5.58
C PRO B 82 0.16 -24.14 6.94
N LYS B 83 1.46 -24.32 6.91
CA LYS B 83 2.22 -24.06 8.13
C LYS B 83 2.18 -22.54 8.29
N GLU B 84 1.96 -22.07 9.51
CA GLU B 84 1.92 -20.60 9.75
C GLU B 84 3.26 -19.94 9.39
N ASP B 85 4.37 -20.65 9.55
CA ASP B 85 5.71 -20.10 9.19
C ASP B 85 5.79 -19.78 7.69
N TRP B 86 5.03 -20.48 6.86
CA TRP B 86 5.07 -20.26 5.39
C TRP B 86 4.37 -18.96 5.00
N CYS B 87 3.75 -18.27 5.93
CA CYS B 87 2.82 -17.19 5.64
C CYS B 87 3.51 -15.84 5.83
N VAL B 88 3.29 -14.95 4.87
CA VAL B 88 3.86 -13.60 4.90
C VAL B 88 2.77 -12.62 4.52
N PHE B 89 2.53 -11.61 5.36
CA PHE B 89 1.58 -10.55 5.00
C PHE B 89 2.05 -9.75 3.79
N ALA B 90 1.10 -9.42 2.92
CA ALA B 90 1.32 -8.46 1.84
C ALA B 90 0.07 -7.60 1.70
N SER B 91 0.25 -6.35 1.27
CA SER B 91 -0.90 -5.44 1.20
C SER B 91 -1.84 -5.74 0.03
N GLY B 92 -1.51 -6.67 -0.83
CA GLY B 92 -2.42 -7.00 -1.92
C GLY B 92 -1.82 -8.10 -2.76
N VAL B 93 -2.72 -8.82 -3.44
CA VAL B 93 -2.28 -9.94 -4.28
C VAL B 93 -1.50 -9.43 -5.49
N VAL B 94 -2.11 -8.54 -6.27
CA VAL B 94 -1.41 -8.05 -7.45
C VAL B 94 -0.12 -7.32 -7.13
N PRO B 95 -0.05 -6.41 -6.11
CA PRO B 95 1.25 -5.85 -5.68
C PRO B 95 2.25 -6.96 -5.32
N ALA B 96 1.77 -8.03 -4.68
CA ALA B 96 2.68 -9.14 -4.33
C ALA B 96 3.22 -9.81 -5.60
N ILE B 97 2.35 -10.08 -6.59
CA ILE B 97 2.84 -10.58 -7.87
C ILE B 97 3.91 -9.65 -8.43
N SER B 98 3.60 -8.35 -8.48
CA SER B 98 4.50 -7.39 -9.10
C SER B 98 5.87 -7.37 -8.39
N ALA B 99 5.86 -7.46 -7.05
CA ALA B 99 7.12 -7.46 -6.31
C ALA B 99 7.94 -8.72 -6.59
N MET B 100 7.25 -9.84 -6.78
CA MET B 100 7.97 -11.08 -7.02
C MET B 100 8.46 -11.17 -8.45
N VAL B 101 7.77 -10.53 -9.40
CA VAL B 101 8.32 -10.38 -10.74
C VAL B 101 9.67 -9.67 -10.65
N ARG B 102 9.73 -8.56 -9.91
CA ARG B 102 10.98 -7.81 -9.84
C ARG B 102 12.04 -8.58 -9.08
N GLN B 103 11.63 -9.31 -8.03
CA GLN B 103 12.63 -9.93 -7.16
C GLN B 103 13.16 -11.24 -7.74
N PHE B 104 12.30 -12.01 -8.40
CA PHE B 104 12.62 -13.38 -8.76
C PHE B 104 12.81 -13.59 -10.26
N THR B 105 12.74 -12.55 -11.07
CA THR B 105 13.08 -12.64 -12.49
C THR B 105 13.96 -11.45 -12.84
N SER B 106 14.54 -11.49 -14.06
CA SER B 106 15.36 -10.40 -14.51
C SER B 106 14.62 -9.60 -15.58
N PRO B 107 14.92 -8.31 -15.73
CA PRO B 107 14.38 -7.58 -16.89
C PRO B 107 14.64 -8.33 -18.19
N GLY B 108 13.59 -8.53 -18.98
CA GLY B 108 13.69 -9.27 -20.22
C GLY B 108 13.28 -10.71 -20.12
N ASP B 109 13.27 -11.26 -18.93
CA ASP B 109 12.77 -12.64 -18.76
C ASP B 109 11.32 -12.71 -19.17
N GLN B 110 10.93 -13.88 -19.64
CA GLN B 110 9.54 -14.11 -19.97
C GLN B 110 8.80 -14.68 -18.77
N ILE B 111 7.54 -14.31 -18.65
CA ILE B 111 6.69 -14.79 -17.57
C ILE B 111 5.43 -15.36 -18.20
N LEU B 112 5.11 -16.59 -17.81
CA LEU B 112 4.05 -17.32 -18.50
C LEU B 112 2.68 -17.14 -17.87
N VAL B 113 1.72 -16.90 -18.74
CA VAL B 113 0.33 -16.85 -18.34
C VAL B 113 -0.44 -17.72 -19.31
N GLN B 114 -1.73 -17.93 -19.02
CA GLN B 114 -2.62 -18.73 -19.86
C GLN B 114 -3.77 -17.86 -20.32
N GLU B 115 -3.61 -17.28 -21.51
CA GLU B 115 -4.59 -16.34 -22.11
C GLU B 115 -5.86 -17.12 -22.44
N PRO B 116 -7.11 -16.54 -22.32
CA PRO B 116 -7.40 -15.24 -21.74
C PRO B 116 -7.30 -15.26 -20.22
N VAL B 117 -6.77 -14.21 -19.64
CA VAL B 117 -6.60 -14.15 -18.20
C VAL B 117 -6.61 -12.67 -17.79
N TYR B 118 -6.87 -12.46 -16.50
CA TYR B 118 -6.89 -11.12 -15.88
C TYR B 118 -5.93 -10.11 -16.51
N ASN B 119 -6.47 -8.96 -16.89
CA ASN B 119 -5.67 -7.96 -17.59
C ASN B 119 -4.50 -7.45 -16.75
N MET B 120 -4.68 -7.40 -15.43
CA MET B 120 -3.65 -6.88 -14.56
C MET B 120 -2.40 -7.74 -14.58
N PHE B 121 -2.50 -9.02 -14.95
CA PHE B 121 -1.30 -9.83 -15.13
C PHE B 121 -0.40 -9.22 -16.21
N TYR B 122 -0.98 -8.73 -17.27
CA TYR B 122 -0.13 -8.18 -18.34
C TYR B 122 0.50 -6.89 -17.84
N SER B 123 -0.26 -6.08 -17.11
CA SER B 123 0.25 -4.80 -16.67
C SER B 123 1.46 -4.96 -15.77
N VAL B 124 1.40 -5.88 -14.81
CA VAL B 124 2.51 -5.98 -13.88
C VAL B 124 3.69 -6.67 -14.55
N ILE B 125 3.44 -7.59 -15.49
CA ILE B 125 4.55 -8.20 -16.20
C ILE B 125 5.19 -7.16 -17.12
N GLU B 126 4.38 -6.58 -18.01
CA GLU B 126 4.94 -5.73 -19.05
C GLU B 126 5.47 -4.42 -18.49
N GLY B 127 4.76 -3.83 -17.54
CA GLY B 127 5.21 -2.55 -16.99
C GLY B 127 6.49 -2.68 -16.20
N ASN B 128 6.72 -3.84 -15.59
CA ASN B 128 7.99 -4.12 -14.91
C ASN B 128 9.12 -4.49 -15.87
N GLY B 129 8.89 -4.51 -17.18
CA GLY B 129 9.99 -4.84 -18.07
C GLY B 129 10.25 -6.32 -18.18
N ARG B 130 9.23 -7.13 -17.94
CA ARG B 130 9.28 -8.53 -18.32
C ARG B 130 8.33 -8.74 -19.50
N ARG B 131 8.43 -9.91 -20.12
CA ARG B 131 7.72 -10.18 -21.36
C ARG B 131 6.68 -11.25 -21.10
N VAL B 132 5.43 -10.94 -21.47
CA VAL B 132 4.38 -11.95 -21.38
C VAL B 132 4.63 -13.03 -22.43
N ILE B 133 4.54 -14.28 -21.98
CA ILE B 133 4.48 -15.42 -22.93
C ILE B 133 3.20 -16.19 -22.50
N SER B 134 2.33 -16.53 -23.44
CA SER B 134 1.11 -17.25 -23.12
C SER B 134 1.14 -18.65 -23.69
N SER B 135 0.75 -19.62 -22.89
CA SER B 135 0.29 -20.90 -23.42
C SER B 135 -1.23 -20.76 -23.45
N ASP B 136 -1.75 -20.37 -24.61
CA ASP B 136 -3.19 -20.07 -24.71
C ASP B 136 -4.01 -21.27 -24.31
N LEU B 137 -5.05 -21.04 -23.52
CA LEU B 137 -6.07 -22.05 -23.33
C LEU B 137 -6.76 -22.32 -24.66
N ILE B 138 -7.01 -23.58 -24.94
CA ILE B 138 -7.71 -23.94 -26.20
C ILE B 138 -9.23 -23.85 -26.00
N TYR B 139 -9.88 -23.06 -26.83
CA TYR B 139 -11.35 -22.91 -26.78
C TYR B 139 -12.01 -23.78 -27.86
N GLU B 140 -12.53 -24.93 -27.45
CA GLU B 140 -13.26 -25.84 -28.36
C GLU B 140 -14.39 -26.43 -27.52
N ASN B 141 -15.58 -26.53 -28.10
CA ASN B 141 -16.77 -26.98 -27.38
C ASN B 141 -17.16 -26.10 -26.22
N SER B 142 -17.02 -24.79 -26.38
CA SER B 142 -17.50 -23.90 -25.33
C SER B 142 -16.79 -24.19 -24.02
N LYS B 143 -15.63 -25.04 -24.06
CA LYS B 143 -14.75 -25.31 -22.93
C LYS B 143 -13.37 -24.77 -23.25
N TYR B 144 -12.68 -24.37 -22.19
CA TYR B 144 -11.26 -24.05 -22.36
C TYR B 144 -10.46 -25.26 -21.85
N SER B 145 -9.35 -25.54 -22.51
CA SER B 145 -8.49 -26.66 -22.10
C SER B 145 -7.04 -26.19 -22.05
N VAL B 146 -6.24 -26.82 -21.21
CA VAL B 146 -4.78 -26.50 -21.19
C VAL B 146 -4.07 -27.23 -22.32
N ASN B 147 -3.22 -26.53 -23.09
CA ASN B 147 -2.34 -27.22 -24.07
C ASN B 147 -1.11 -27.62 -23.27
N TRP B 148 -1.13 -28.82 -22.72
CA TRP B 148 -0.03 -29.29 -21.88
C TRP B 148 1.28 -29.34 -22.65
N ALA B 149 1.25 -29.77 -23.92
CA ALA B 149 2.48 -29.84 -24.70
C ALA B 149 3.06 -28.45 -24.92
N ASP B 150 2.20 -27.49 -25.27
CA ASP B 150 2.66 -26.11 -25.46
C ASP B 150 3.14 -25.53 -24.14
N LEU B 151 2.41 -25.82 -23.06
CA LEU B 151 2.81 -25.39 -21.73
C LEU B 151 4.21 -25.88 -21.39
N GLU B 152 4.47 -27.17 -21.61
CA GLU B 152 5.79 -27.69 -21.23
C GLU B 152 6.90 -27.11 -22.08
N GLU B 153 6.68 -26.99 -23.39
CA GLU B 153 7.73 -26.43 -24.25
C GLU B 153 8.05 -25.00 -23.84
N LYS B 154 7.04 -24.25 -23.42
CA LYS B 154 7.31 -22.87 -23.05
C LYS B 154 7.97 -22.78 -21.68
N LEU B 155 7.47 -23.54 -20.71
CA LEU B 155 8.13 -23.60 -19.41
C LEU B 155 9.58 -24.06 -19.53
N ALA B 156 9.88 -24.91 -20.51
CA ALA B 156 11.25 -25.36 -20.74
C ALA B 156 12.16 -24.28 -21.32
N THR B 157 11.61 -23.21 -21.84
CA THR B 157 12.42 -22.16 -22.45
C THR B 157 13.29 -21.50 -21.38
N PRO B 158 14.60 -21.34 -21.61
CA PRO B 158 15.45 -20.78 -20.56
C PRO B 158 15.00 -19.41 -20.07
N SER B 159 14.57 -18.51 -20.96
CA SER B 159 14.16 -17.17 -20.53
C SER B 159 12.80 -17.17 -19.82
N VAL B 160 12.06 -18.26 -19.87
CA VAL B 160 10.77 -18.33 -19.11
C VAL B 160 11.10 -18.70 -17.66
N ARG B 161 10.92 -17.76 -16.72
CA ARG B 161 11.39 -17.97 -15.32
C ARG B 161 10.28 -18.01 -14.28
N MET B 162 9.07 -17.66 -14.70
CA MET B 162 7.95 -17.57 -13.74
C MET B 162 6.65 -17.81 -14.46
N MET B 163 5.76 -18.53 -13.82
CA MET B 163 4.41 -18.68 -14.32
C MET B 163 3.48 -18.00 -13.32
N VAL B 164 2.65 -17.09 -13.81
CA VAL B 164 1.59 -16.49 -13.00
C VAL B 164 0.31 -17.23 -13.36
N PHE B 165 -0.12 -18.05 -12.41
CA PHE B 165 -1.25 -18.97 -12.58
C PHE B 165 -2.44 -18.42 -11.80
N CYS B 166 -3.56 -18.36 -12.47
CA CYS B 166 -4.83 -17.88 -11.84
C CYS B 166 -5.64 -19.11 -11.40
N ASN B 167 -5.73 -19.35 -10.09
CA ASN B 167 -6.36 -20.57 -9.56
C ASN B 167 -7.31 -20.22 -8.40
N PRO B 168 -8.63 -20.07 -8.61
CA PRO B 168 -9.27 -20.25 -9.90
C PRO B 168 -8.99 -19.21 -10.99
N HIS B 169 -9.27 -19.55 -12.23
CA HIS B 169 -8.88 -18.71 -13.36
C HIS B 169 -9.98 -17.70 -13.67
N ASN B 170 -9.62 -16.42 -13.63
CA ASN B 170 -10.32 -15.21 -14.02
C ASN B 170 -9.85 -14.85 -15.42
N PRO B 171 -10.73 -14.69 -16.44
CA PRO B 171 -12.19 -14.51 -16.36
C PRO B 171 -13.08 -15.71 -16.69
N ILE B 172 -12.51 -16.88 -16.98
CA ILE B 172 -13.33 -18.01 -17.40
C ILE B 172 -14.01 -18.72 -16.24
N GLY B 173 -13.62 -18.43 -15.00
CA GLY B 173 -14.35 -18.97 -13.86
C GLY B 173 -14.12 -20.44 -13.59
N TYR B 174 -12.87 -20.89 -13.70
CA TYR B 174 -12.57 -22.30 -13.62
C TYR B 174 -11.65 -22.58 -12.43
N ALA B 175 -12.15 -23.35 -11.48
CA ALA B 175 -11.31 -23.91 -10.43
C ALA B 175 -10.71 -25.21 -10.94
N TRP B 176 -9.40 -25.11 -11.09
CA TRP B 176 -8.57 -26.24 -11.55
C TRP B 176 -8.69 -27.43 -10.60
N SER B 177 -8.55 -28.62 -11.18
CA SER B 177 -8.62 -29.88 -10.41
C SER B 177 -7.35 -30.07 -9.63
N GLU B 178 -7.43 -30.93 -8.64
CA GLU B 178 -6.18 -31.26 -7.89
C GLU B 178 -5.06 -31.71 -8.83
N GLU B 179 -5.38 -32.60 -9.75
CA GLU B 179 -4.39 -33.10 -10.72
C GLU B 179 -3.79 -31.94 -11.50
N GLU B 180 -4.60 -31.02 -11.98
CA GLU B 180 -4.07 -29.93 -12.83
C GLU B 180 -3.10 -29.06 -12.04
N VAL B 181 -3.50 -28.69 -10.83
CA VAL B 181 -2.63 -27.80 -10.00
C VAL B 181 -1.28 -28.50 -9.78
N LYS B 182 -1.31 -29.76 -9.36
CA LYS B 182 -0.06 -30.49 -9.02
C LYS B 182 0.79 -30.67 -10.27
N ARG B 183 0.15 -30.99 -11.39
CA ARG B 183 0.89 -31.16 -12.67
C ARG B 183 1.56 -29.85 -13.05
N ILE B 184 0.84 -28.75 -12.92
CA ILE B 184 1.39 -27.43 -13.31
C ILE B 184 2.56 -27.10 -12.38
N ALA B 185 2.41 -27.39 -11.10
CA ALA B 185 3.51 -27.16 -10.18
C ALA B 185 4.70 -28.06 -10.48
N GLU B 186 4.45 -29.34 -10.76
CA GLU B 186 5.57 -30.23 -11.05
C GLU B 186 6.28 -29.84 -12.35
N LEU B 187 5.54 -29.40 -13.34
CA LEU B 187 6.18 -28.93 -14.61
C LEU B 187 7.05 -27.69 -14.31
N CYS B 188 6.52 -26.78 -13.50
CA CYS B 188 7.31 -25.59 -13.18
C CYS B 188 8.57 -25.98 -12.42
N ALA B 189 8.42 -26.78 -11.37
CA ALA B 189 9.57 -27.17 -10.56
C ALA B 189 10.60 -27.91 -11.39
N LYS B 190 10.13 -28.82 -12.27
CA LYS B 190 11.01 -29.57 -13.15
C LYS B 190 11.92 -28.64 -13.96
N HIS B 191 11.36 -27.53 -14.42
CA HIS B 191 12.08 -26.58 -15.25
C HIS B 191 12.62 -25.41 -14.44
N GLN B 192 12.62 -25.50 -13.12
CA GLN B 192 13.16 -24.45 -12.26
C GLN B 192 12.45 -23.11 -12.53
N VAL B 193 11.14 -23.20 -12.75
CA VAL B 193 10.26 -22.05 -12.97
C VAL B 193 9.43 -21.86 -11.71
N LEU B 194 9.33 -20.61 -11.24
CA LEU B 194 8.53 -20.29 -10.07
C LEU B 194 7.06 -20.26 -10.44
N LEU B 195 6.25 -20.97 -9.70
CA LEU B 195 4.80 -20.92 -9.90
C LEU B 195 4.22 -19.92 -8.91
N ILE B 196 3.64 -18.85 -9.42
CA ILE B 196 2.91 -17.88 -8.60
C ILE B 196 1.43 -18.15 -8.78
N SER B 197 0.79 -18.69 -7.74
CA SER B 197 -0.58 -19.18 -7.84
C SER B 197 -1.47 -18.14 -7.17
N ASP B 198 -2.14 -17.32 -8.00
CA ASP B 198 -3.06 -16.31 -7.51
C ASP B 198 -4.39 -16.99 -7.20
N GLU B 199 -4.65 -17.20 -5.91
CA GLU B 199 -5.85 -17.96 -5.46
C GLU B 199 -6.86 -17.02 -4.81
N ILE B 200 -6.99 -15.83 -5.37
CA ILE B 200 -7.87 -14.82 -4.78
C ILE B 200 -9.34 -15.16 -4.95
N HIS B 201 -9.70 -15.98 -5.94
CA HIS B 201 -11.08 -16.41 -6.10
C HIS B 201 -11.34 -17.79 -5.48
N GLY B 202 -10.40 -18.27 -4.67
CA GLY B 202 -10.45 -19.65 -4.17
C GLY B 202 -11.60 -19.99 -3.26
N ASP B 203 -12.01 -19.02 -2.46
CA ASP B 203 -13.15 -19.22 -1.58
C ASP B 203 -14.48 -19.15 -2.30
N LEU B 204 -14.46 -18.88 -3.60
CA LEU B 204 -15.69 -18.61 -4.33
C LEU B 204 -15.94 -19.68 -5.37
N VAL B 205 -15.58 -20.91 -5.05
CA VAL B 205 -16.01 -22.03 -5.94
C VAL B 205 -17.49 -22.26 -5.60
N LEU B 206 -18.36 -22.06 -6.58
CA LEU B 206 -19.81 -22.08 -6.28
C LEU B 206 -20.39 -23.49 -6.26
N THR B 207 -19.54 -24.50 -6.33
CA THR B 207 -19.97 -25.91 -6.18
C THR B 207 -19.23 -26.50 -4.94
N ASP B 208 -19.40 -27.80 -4.59
CA ASP B 208 -18.59 -28.46 -3.55
C ASP B 208 -17.18 -28.67 -4.02
N GLU B 209 -17.05 -28.66 -5.37
CA GLU B 209 -15.74 -28.84 -6.02
C GLU B 209 -14.81 -27.88 -5.32
N ASP B 210 -13.73 -28.38 -4.76
CA ASP B 210 -12.95 -27.38 -4.00
C ASP B 210 -11.69 -26.98 -4.73
N ILE B 211 -11.06 -25.95 -4.22
CA ILE B 211 -9.82 -25.44 -4.82
C ILE B 211 -8.67 -26.28 -4.29
N THR B 212 -7.65 -26.41 -5.09
CA THR B 212 -6.42 -27.08 -4.63
C THR B 212 -5.36 -25.97 -4.50
N PRO B 213 -5.02 -25.41 -3.30
CA PRO B 213 -3.94 -24.45 -3.22
C PRO B 213 -2.61 -25.04 -3.69
N ALA B 214 -1.80 -24.22 -4.33
CA ALA B 214 -0.50 -24.69 -4.85
C ALA B 214 0.39 -25.19 -3.70
N PHE B 215 0.21 -24.63 -2.52
CA PHE B 215 1.06 -25.04 -1.36
C PHE B 215 0.89 -26.53 -1.01
N THR B 216 -0.15 -27.20 -1.53
CA THR B 216 -0.40 -28.60 -1.17
C THR B 216 0.34 -29.58 -2.07
N VAL B 217 0.99 -29.07 -3.10
CA VAL B 217 1.79 -29.97 -3.99
C VAL B 217 2.86 -30.69 -3.19
N ASP B 218 3.19 -31.89 -3.64
CA ASP B 218 4.21 -32.72 -2.98
C ASP B 218 5.54 -32.01 -2.87
N TRP B 219 6.27 -32.31 -1.81
CA TRP B 219 7.53 -31.63 -1.45
C TRP B 219 8.53 -31.32 -2.53
N ALA B 221 8.23 -30.42 -5.56
CA ALA B 221 7.72 -29.24 -6.28
C ALA B 221 7.26 -28.12 -5.33
N LYS B 222 6.96 -28.47 -4.09
CA LYS B 222 6.45 -27.45 -3.18
C LYS B 222 7.44 -26.32 -2.97
N ASN B 223 8.72 -26.55 -3.23
CA ASN B 223 9.73 -25.50 -3.07
C ASN B 223 9.69 -24.47 -4.18
N TRP B 224 8.86 -24.66 -5.19
CA TRP B 224 8.82 -23.77 -6.34
C TRP B 224 7.48 -23.03 -6.45
N VAL B 225 6.69 -23.07 -5.41
CA VAL B 225 5.32 -22.48 -5.49
C VAL B 225 5.10 -21.35 -4.49
N VAL B 226 4.19 -20.46 -4.85
CA VAL B 226 3.73 -19.39 -3.93
C VAL B 226 2.21 -19.34 -4.12
N SER B 227 1.48 -19.48 -3.02
CA SER B 227 0.00 -19.33 -3.07
C SER B 227 -0.32 -17.92 -2.55
N LEU B 228 -1.14 -17.19 -3.27
CA LEU B 228 -1.55 -15.85 -2.85
C LEU B 228 -3.04 -15.84 -2.60
N ILE B 229 -3.39 -15.43 -1.38
CA ILE B 229 -4.82 -15.37 -0.97
C ILE B 229 -5.09 -14.01 -0.31
N SER B 230 -6.37 -13.68 -0.16
CA SER B 230 -6.79 -12.44 0.48
C SER B 230 -8.25 -12.60 0.85
N PRO B 231 -8.75 -11.87 1.86
CA PRO B 231 -10.20 -11.84 2.09
C PRO B 231 -10.94 -10.94 1.11
N SER B 232 -10.22 -10.30 0.18
CA SER B 232 -10.82 -9.17 -0.53
C SER B 232 -11.94 -9.61 -1.46
N LYS B 233 -11.70 -10.62 -2.30
CA LYS B 233 -12.76 -11.02 -3.22
C LYS B 233 -13.87 -11.75 -2.46
N THR B 234 -13.48 -12.59 -1.51
CA THR B 234 -14.45 -13.40 -0.75
C THR B 234 -15.41 -12.53 0.05
N PHE B 235 -14.91 -11.49 0.70
CA PHE B 235 -15.70 -10.72 1.66
C PHE B 235 -16.00 -9.29 1.21
N ASN B 236 -15.69 -8.95 -0.03
CA ASN B 236 -15.95 -7.61 -0.60
C ASN B 236 -15.10 -6.55 0.12
N LEU B 237 -13.80 -6.81 0.21
CA LEU B 237 -12.84 -5.96 0.91
C LEU B 237 -11.64 -5.63 0.02
N ALA B 238 -11.87 -5.31 -1.25
CA ALA B 238 -10.77 -4.98 -2.17
C ALA B 238 -9.88 -3.89 -1.56
N ALA B 239 -10.52 -2.84 -1.04
CA ALA B 239 -9.74 -1.72 -0.54
C ALA B 239 -9.19 -1.96 0.85
N LEU B 240 -9.45 -3.12 1.45
CA LEU B 240 -8.82 -3.38 2.75
C LEU B 240 -7.31 -3.49 2.62
N HIS B 241 -6.83 -3.93 1.45
CA HIS B 241 -5.41 -4.12 1.20
C HIS B 241 -4.79 -5.05 2.25
N ALA B 242 -5.38 -6.23 2.37
CA ALA B 242 -4.86 -7.31 3.20
C ALA B 242 -4.73 -8.55 2.33
N ALA B 243 -3.58 -9.19 2.40
CA ALA B 243 -3.33 -10.39 1.60
C ALA B 243 -2.32 -11.26 2.35
N CYS B 244 -2.07 -12.45 1.82
CA CYS B 244 -1.11 -13.31 2.47
C CYS B 244 -0.45 -14.15 1.41
N ALA B 245 0.89 -14.17 1.42
CA ALA B 245 1.64 -15.08 0.57
C ALA B 245 1.97 -16.32 1.40
N ILE B 246 1.76 -17.49 0.81
CA ILE B 246 2.06 -18.75 1.48
C ILE B 246 3.20 -19.37 0.69
N ILE B 247 4.38 -19.40 1.30
CA ILE B 247 5.61 -19.75 0.60
C ILE B 247 6.35 -20.81 1.42
N PRO B 248 6.22 -22.09 1.07
CA PRO B 248 6.88 -23.13 1.87
C PRO B 248 8.40 -23.08 1.85
N ASN B 249 9.01 -22.66 0.74
CA ASN B 249 10.47 -22.56 0.67
C ASN B 249 10.94 -21.43 1.59
N PRO B 250 11.69 -21.71 2.65
CA PRO B 250 12.02 -20.65 3.61
C PRO B 250 12.92 -19.56 3.04
N ASP B 251 13.82 -19.87 2.11
CA ASP B 251 14.67 -18.80 1.59
C ASP B 251 13.90 -17.94 0.61
N LEU B 252 13.14 -18.56 -0.30
CA LEU B 252 12.23 -17.82 -1.17
C LEU B 252 11.27 -16.95 -0.37
N ARG B 253 10.79 -17.47 0.75
CA ARG B 253 9.83 -16.74 1.56
C ARG B 253 10.44 -15.47 2.14
N ALA B 254 11.66 -15.55 2.64
CA ALA B 254 12.27 -14.36 3.28
C ALA B 254 12.61 -13.28 2.23
N ARG B 255 12.93 -13.72 1.02
CA ARG B 255 13.29 -12.80 -0.07
C ARG B 255 12.03 -12.08 -0.53
N ALA B 256 10.95 -12.82 -0.67
CA ALA B 256 9.67 -12.21 -1.05
C ALA B 256 9.31 -11.15 0.00
N GLU B 257 9.40 -11.53 1.26
CA GLU B 257 9.05 -10.58 2.30
C GLU B 257 9.92 -9.34 2.25
N GLU B 258 11.23 -9.53 2.03
CA GLU B 258 12.10 -8.37 1.86
C GLU B 258 11.65 -7.52 0.68
N SER B 259 11.25 -8.16 -0.41
CA SER B 259 10.77 -7.40 -1.55
C SER B 259 9.48 -6.64 -1.22
N PHE B 260 8.57 -7.26 -0.45
CA PHE B 260 7.36 -6.55 -0.04
C PHE B 260 7.71 -5.30 0.76
N PHE B 261 8.65 -5.42 1.70
CA PHE B 261 8.97 -4.28 2.54
C PHE B 261 9.58 -3.15 1.72
N LEU B 262 10.51 -3.50 0.83
CA LEU B 262 11.18 -2.53 -0.02
C LEU B 262 10.19 -1.78 -0.91
N ALA B 263 9.18 -2.50 -1.41
CA ALA B 263 8.20 -1.90 -2.30
C ALA B 263 7.17 -1.03 -1.57
N GLY B 264 7.02 -1.21 -0.27
CA GLY B 264 5.98 -0.53 0.47
C GLY B 264 4.68 -1.29 0.64
N ILE B 265 4.71 -2.62 0.55
CA ILE B 265 3.47 -3.40 0.64
C ILE B 265 3.63 -4.48 1.71
N GLY B 266 4.63 -4.34 2.58
CA GLY B 266 4.84 -5.31 3.62
C GLY B 266 4.25 -4.96 4.98
N GLU B 267 3.78 -3.70 5.16
CA GLU B 267 3.25 -3.21 6.44
C GLU B 267 1.73 -3.10 6.39
N PRO B 268 1.01 -3.63 7.37
CA PRO B 268 -0.45 -3.50 7.32
C PRO B 268 -0.90 -2.08 7.62
N ASN B 269 -1.96 -1.68 6.94
CA ASN B 269 -2.63 -0.44 7.32
C ASN B 269 -3.43 -0.66 8.61
N LEU B 270 -4.07 0.40 9.07
CA LEU B 270 -4.78 0.45 10.38
C LEU B 270 -5.95 -0.51 10.55
N LEU B 271 -6.47 -1.07 9.48
CA LEU B 271 -7.56 -2.03 9.63
C LEU B 271 -7.23 -3.42 9.11
N ALA B 272 -6.11 -3.59 8.40
CA ALA B 272 -5.85 -4.84 7.67
C ALA B 272 -5.85 -6.05 8.59
N ILE B 273 -5.14 -5.97 9.72
CA ILE B 273 -4.96 -7.12 10.62
C ILE B 273 -6.28 -7.49 11.30
N PRO B 274 -6.91 -6.63 12.11
CA PRO B 274 -8.15 -7.09 12.78
C PRO B 274 -9.25 -7.49 11.82
N ALA B 275 -9.38 -6.80 10.68
CA ALA B 275 -10.45 -7.11 9.74
C ALA B 275 -10.24 -8.45 9.06
N ALA B 276 -9.02 -8.72 8.60
CA ALA B 276 -8.71 -10.01 8.01
C ALA B 276 -8.87 -11.14 9.03
N ILE B 277 -8.47 -10.91 10.28
CA ILE B 277 -8.62 -11.96 11.28
C ILE B 277 -10.09 -12.26 11.51
N ALA B 278 -10.91 -11.22 11.65
CA ALA B 278 -12.35 -11.43 11.81
C ALA B 278 -12.95 -12.15 10.62
N ALA B 279 -12.58 -11.72 9.40
CA ALA B 279 -13.11 -12.39 8.21
C ALA B 279 -12.78 -13.88 8.22
N TYR B 280 -11.54 -14.23 8.53
CA TYR B 280 -11.09 -15.60 8.44
C TYR B 280 -11.47 -16.43 9.66
N GLU B 281 -11.80 -15.80 10.78
CA GLU B 281 -12.22 -16.55 11.96
C GLU B 281 -13.72 -16.68 12.06
N GLU B 282 -14.46 -15.66 11.60
CA GLU B 282 -15.89 -15.61 11.85
C GLU B 282 -16.70 -15.44 10.57
N GLY B 283 -16.07 -15.57 9.39
CA GLY B 283 -16.75 -15.34 8.13
C GLY B 283 -17.37 -16.56 7.48
N HIS B 284 -17.25 -17.75 8.11
CA HIS B 284 -17.69 -18.97 7.45
C HIS B 284 -19.18 -18.94 7.14
N ASN B 285 -20.00 -18.60 8.15
CA ASN B 285 -21.45 -18.60 7.95
C ASN B 285 -21.87 -17.63 6.86
N TRP B 286 -21.31 -16.41 6.88
CA TRP B 286 -21.67 -15.42 5.87
C TRP B 286 -21.32 -15.90 4.48
N LEU B 287 -20.12 -16.47 4.31
CA LEU B 287 -19.71 -17.00 3.00
C LEU B 287 -20.67 -18.09 2.53
N ARG B 288 -21.14 -18.95 3.43
CA ARG B 288 -22.03 -20.01 3.00
C ARG B 288 -23.34 -19.45 2.45
N GLU B 289 -23.88 -18.43 3.12
CA GLU B 289 -25.07 -17.75 2.61
C GLU B 289 -24.77 -17.03 1.29
N LEU B 290 -23.63 -16.35 1.20
CA LEU B 290 -23.26 -15.69 -0.05
C LEU B 290 -23.32 -16.65 -1.22
N LYS B 291 -22.78 -17.85 -1.04
CA LYS B 291 -22.69 -18.81 -2.16
C LYS B 291 -24.10 -19.26 -2.56
N GLN B 292 -25.01 -19.38 -1.60
CA GLN B 292 -26.39 -19.68 -1.95
C GLN B 292 -27.00 -18.54 -2.78
N VAL B 293 -26.73 -17.29 -2.40
CA VAL B 293 -27.22 -16.15 -3.20
C VAL B 293 -26.59 -16.15 -4.58
N LEU B 294 -25.29 -16.45 -4.65
CA LEU B 294 -24.60 -16.41 -5.95
C LEU B 294 -25.10 -17.51 -6.86
N ARG B 295 -25.32 -18.69 -6.30
CA ARG B 295 -25.88 -19.80 -7.12
C ARG B 295 -27.27 -19.42 -7.63
N ASP B 296 -28.04 -18.76 -6.79
CA ASP B 296 -29.36 -18.30 -7.21
C ASP B 296 -29.26 -17.28 -8.33
N ASN B 297 -28.34 -16.32 -8.21
CA ASN B 297 -28.15 -15.33 -9.26
C ASN B 297 -27.71 -16.00 -10.57
N PHE B 298 -26.74 -16.91 -10.50
CA PHE B 298 -26.28 -17.59 -11.70
C PHE B 298 -27.37 -18.46 -12.31
N ALA B 299 -28.16 -19.13 -11.47
CA ALA B 299 -29.26 -19.93 -12.01
C ALA B 299 -30.21 -19.05 -12.83
N TYR B 300 -30.66 -17.93 -12.26
CA TYR B 300 -31.52 -17.02 -12.99
C TYR B 300 -30.83 -16.52 -14.26
N ALA B 301 -29.61 -16.04 -14.17
CA ALA B 301 -28.96 -15.43 -15.34
C ALA B 301 -28.73 -16.45 -16.46
N ARG B 302 -28.22 -17.62 -16.09
CA ARG B 302 -27.93 -18.66 -17.09
C ARG B 302 -29.24 -19.08 -17.77
N GLU B 303 -30.27 -19.31 -16.96
CA GLU B 303 -31.56 -19.71 -17.54
C GLU B 303 -32.05 -18.55 -18.40
N PHE B 304 -32.00 -17.33 -17.85
CA PHE B 304 -32.57 -16.25 -18.66
C PHE B 304 -31.78 -16.04 -19.95
N LEU B 305 -30.47 -16.10 -19.94
CA LEU B 305 -29.77 -15.95 -21.24
C LEU B 305 -30.00 -17.17 -22.16
N ALA B 306 -30.16 -18.37 -21.62
CA ALA B 306 -30.29 -19.57 -22.50
C ALA B 306 -31.64 -19.57 -23.20
N LYS B 307 -32.66 -19.13 -22.49
CA LYS B 307 -34.04 -19.14 -23.03
C LYS B 307 -34.32 -17.87 -23.85
N GLU B 308 -33.72 -16.74 -23.48
CA GLU B 308 -34.11 -15.45 -24.11
C GLU B 308 -33.05 -14.82 -25.01
N VAL B 309 -31.78 -15.14 -24.80
CA VAL B 309 -30.75 -14.55 -25.66
C VAL B 309 -29.95 -15.69 -26.26
N PRO B 310 -30.50 -16.45 -27.20
CA PRO B 310 -29.74 -17.56 -27.79
C PRO B 310 -28.54 -17.10 -28.60
N GLU B 311 -28.42 -15.80 -28.88
CA GLU B 311 -27.28 -15.25 -29.60
C GLU B 311 -26.01 -15.24 -28.76
N VAL B 312 -26.09 -15.44 -27.45
CA VAL B 312 -24.90 -15.51 -26.62
C VAL B 312 -24.85 -16.88 -25.98
N LYS B 313 -23.65 -17.26 -25.55
CA LYS B 313 -23.44 -18.54 -24.87
C LYS B 313 -22.61 -18.28 -23.61
N VAL B 314 -23.25 -18.40 -22.45
CA VAL B 314 -22.52 -18.31 -21.19
C VAL B 314 -21.73 -19.59 -21.02
N LEU B 315 -20.46 -19.44 -20.82
CA LEU B 315 -19.62 -20.65 -20.71
C LEU B 315 -19.84 -21.30 -19.35
N ASP B 316 -19.74 -22.61 -19.33
CA ASP B 316 -19.82 -23.36 -18.09
C ASP B 316 -18.64 -22.99 -17.21
N SER B 317 -18.93 -22.69 -15.95
CA SER B 317 -17.89 -22.31 -14.99
C SER B 317 -18.30 -22.84 -13.64
N ASN B 318 -17.32 -22.99 -12.74
CA ASN B 318 -17.63 -23.44 -11.40
C ASN B 318 -17.12 -22.52 -10.30
N ALA B 319 -16.48 -21.43 -10.70
CA ALA B 319 -15.82 -20.58 -9.69
C ALA B 319 -15.89 -19.10 -10.06
N SER B 320 -15.76 -18.24 -9.06
CA SER B 320 -15.88 -16.78 -9.25
C SER B 320 -17.35 -16.35 -9.31
N TYR B 321 -17.59 -15.06 -9.11
CA TYR B 321 -18.96 -14.52 -9.28
C TYR B 321 -19.03 -13.82 -10.64
N LEU B 322 -18.08 -14.13 -11.52
CA LEU B 322 -18.03 -13.54 -12.84
C LEU B 322 -18.44 -14.56 -13.88
N ALA B 323 -19.24 -14.12 -14.84
CA ALA B 323 -19.71 -14.95 -15.93
C ALA B 323 -18.97 -14.55 -17.20
N TRP B 324 -18.54 -15.55 -17.96
CA TRP B 324 -17.78 -15.36 -19.18
C TRP B 324 -18.69 -15.77 -20.33
N VAL B 325 -19.02 -14.82 -21.20
CA VAL B 325 -20.10 -14.96 -22.17
C VAL B 325 -19.55 -14.78 -23.57
N ASP B 326 -19.74 -15.80 -24.41
CA ASP B 326 -19.36 -15.76 -25.81
C ASP B 326 -20.40 -14.96 -26.59
N ILE B 327 -19.99 -13.81 -27.14
CA ILE B 327 -20.88 -12.95 -27.94
C ILE B 327 -20.52 -13.00 -29.42
N SER B 328 -19.75 -14.00 -29.85
CA SER B 328 -19.25 -14.01 -31.22
C SER B 328 -20.37 -14.01 -32.26
N ALA B 329 -21.51 -14.62 -31.94
CA ALA B 329 -22.60 -14.71 -32.91
C ALA B 329 -23.15 -13.34 -33.27
N LEU B 330 -22.97 -12.34 -32.41
CA LEU B 330 -23.37 -10.98 -32.75
C LEU B 330 -22.48 -10.36 -33.81
N GLY B 331 -21.36 -11.01 -34.16
CA GLY B 331 -20.48 -10.48 -35.19
C GLY B 331 -19.94 -9.10 -34.90
N MET B 332 -19.60 -8.82 -33.65
CA MET B 332 -19.23 -7.47 -33.24
C MET B 332 -18.14 -7.55 -32.20
N ASN B 333 -17.05 -6.81 -32.41
CA ASN B 333 -15.95 -6.79 -31.45
C ASN B 333 -16.46 -6.39 -30.06
N ALA B 334 -15.96 -7.09 -29.03
CA ALA B 334 -16.56 -6.94 -27.70
C ALA B 334 -16.42 -5.52 -27.17
N GLU B 335 -15.30 -4.87 -27.46
CA GLU B 335 -15.12 -3.49 -27.03
C GLU B 335 -16.22 -2.59 -27.58
N ASP B 336 -16.52 -2.75 -28.87
CA ASP B 336 -17.57 -1.96 -29.49
C ASP B 336 -18.94 -2.36 -28.98
N PHE B 337 -19.21 -3.66 -28.85
CA PHE B 337 -20.48 -4.10 -28.26
C PHE B 337 -20.71 -3.46 -26.90
N CYS B 338 -19.69 -3.52 -26.03
CA CYS B 338 -19.87 -3.03 -24.67
C CYS B 338 -20.10 -1.53 -24.67
N LYS B 339 -19.53 -0.82 -25.63
CA LYS B 339 -19.77 0.64 -25.75
C LYS B 339 -21.21 0.88 -26.17
N TYR B 340 -21.65 0.21 -27.21
CA TYR B 340 -23.03 0.34 -27.72
C TYR B 340 -24.04 -0.03 -26.63
N LEU B 341 -23.79 -1.14 -25.96
CA LEU B 341 -24.70 -1.62 -24.88
C LEU B 341 -24.81 -0.55 -23.79
N ARG B 342 -23.68 0.04 -23.41
CA ARG B 342 -23.77 1.10 -22.42
C ARG B 342 -24.60 2.27 -22.92
N GLU B 343 -24.39 2.66 -24.18
CA GLU B 343 -25.09 3.82 -24.72
C GLU B 343 -26.59 3.58 -24.76
N LYS B 344 -27.03 2.41 -25.22
CA LYS B 344 -28.45 2.16 -25.43
C LYS B 344 -29.18 1.71 -24.17
N THR B 345 -28.50 1.05 -23.23
CA THR B 345 -29.15 0.45 -22.08
C THR B 345 -28.62 0.90 -20.74
N GLY B 346 -27.46 1.53 -20.66
CA GLY B 346 -26.89 1.86 -19.37
C GLY B 346 -26.21 0.71 -18.65
N LEU B 347 -26.22 -0.49 -19.23
CA LEU B 347 -25.52 -1.62 -18.65
C LEU B 347 -24.03 -1.52 -18.95
N ILE B 348 -23.20 -1.65 -17.91
CA ILE B 348 -21.73 -1.57 -18.07
C ILE B 348 -21.15 -2.92 -17.66
N ILE B 349 -20.65 -3.67 -18.65
CA ILE B 349 -20.00 -4.94 -18.41
C ILE B 349 -18.58 -4.88 -19.00
N SER B 350 -17.78 -5.91 -18.71
CA SER B 350 -16.36 -5.90 -19.07
C SER B 350 -16.14 -6.48 -20.47
N ALA B 351 -15.55 -5.69 -21.36
CA ALA B 351 -15.19 -6.21 -22.67
C ALA B 351 -14.08 -7.26 -22.52
N GLY B 352 -14.17 -8.33 -23.30
CA GLY B 352 -13.18 -9.38 -23.18
C GLY B 352 -11.83 -9.04 -23.77
N ASN B 353 -11.71 -7.95 -24.55
CA ASN B 353 -10.48 -7.70 -25.29
C ASN B 353 -9.26 -7.63 -24.38
N GLY B 354 -9.39 -6.94 -23.24
CA GLY B 354 -8.25 -6.74 -22.37
C GLY B 354 -7.72 -8.00 -21.71
N TYR B 355 -8.52 -9.07 -21.67
CA TYR B 355 -8.03 -10.36 -21.19
C TYR B 355 -7.19 -11.09 -22.23
N ARG B 356 -7.07 -10.55 -23.44
CA ARG B 356 -6.34 -11.15 -24.56
C ARG B 356 -6.92 -12.53 -24.86
N GLY B 357 -6.09 -13.48 -25.28
CA GLY B 357 -6.65 -14.75 -25.75
C GLY B 357 -7.69 -14.50 -26.82
N ASN B 358 -8.79 -15.23 -26.76
CA ASN B 358 -9.89 -14.97 -27.69
C ASN B 358 -10.92 -14.00 -27.10
N GLY B 359 -10.48 -13.11 -26.21
CA GLY B 359 -11.39 -12.23 -25.49
C GLY B 359 -12.15 -11.26 -26.37
N HIS B 360 -11.70 -11.03 -27.61
CA HIS B 360 -12.45 -10.11 -28.47
C HIS B 360 -13.85 -10.63 -28.75
N GLU B 361 -14.10 -11.91 -28.49
CA GLU B 361 -15.39 -12.55 -28.70
C GLU B 361 -16.22 -12.69 -27.44
N PHE B 362 -15.79 -12.10 -26.33
CA PHE B 362 -16.39 -12.39 -25.03
C PHE B 362 -16.63 -11.12 -24.23
N VAL B 363 -17.60 -11.22 -23.30
CA VAL B 363 -17.79 -10.21 -22.27
C VAL B 363 -17.76 -10.90 -20.92
N ARG B 364 -17.47 -10.14 -19.88
CA ARG B 364 -17.47 -10.65 -18.51
C ARG B 364 -18.48 -9.85 -17.68
N ILE B 365 -19.33 -10.56 -16.95
CA ILE B 365 -20.44 -9.95 -16.21
C ILE B 365 -20.35 -10.34 -14.75
N ASN B 366 -20.41 -9.35 -13.87
CA ASN B 366 -20.29 -9.54 -12.43
C ASN B 366 -21.68 -9.73 -11.84
N LEU B 367 -21.96 -10.92 -11.28
CA LEU B 367 -23.27 -11.25 -10.72
C LEU B 367 -23.32 -11.20 -9.20
N ALA B 368 -22.29 -10.65 -8.55
CA ALA B 368 -22.33 -10.51 -7.09
C ALA B 368 -23.05 -9.22 -6.72
N CYS B 369 -24.36 -9.24 -6.90
CA CYS B 369 -25.20 -8.11 -6.54
C CYS B 369 -26.58 -8.64 -6.23
N PRO B 370 -27.40 -7.88 -5.53
CA PRO B 370 -28.78 -8.32 -5.25
C PRO B 370 -29.47 -8.79 -6.51
N LYS B 371 -30.38 -9.77 -6.35
CA LYS B 371 -31.02 -10.36 -7.51
C LYS B 371 -31.80 -9.34 -8.33
N GLU B 372 -32.24 -8.24 -7.71
CA GLU B 372 -32.93 -7.20 -8.48
C GLU B 372 -32.01 -6.62 -9.54
N LEU B 373 -30.74 -6.40 -9.19
CA LEU B 373 -29.77 -5.89 -10.16
C LEU B 373 -29.39 -6.95 -11.19
N VAL B 374 -29.31 -8.23 -10.78
CA VAL B 374 -29.08 -9.30 -11.77
C VAL B 374 -30.19 -9.30 -12.80
N ILE B 375 -31.43 -9.22 -12.35
CA ILE B 375 -32.56 -9.19 -13.26
C ILE B 375 -32.45 -7.99 -14.19
N ASP B 376 -32.22 -6.81 -13.62
CA ASP B 376 -32.07 -5.59 -14.40
C ASP B 376 -30.99 -5.75 -15.48
N GLY B 377 -29.80 -6.19 -15.07
CA GLY B 377 -28.70 -6.30 -16.03
C GLY B 377 -28.97 -7.31 -17.13
N MET B 378 -29.55 -8.44 -16.78
CA MET B 378 -29.83 -9.47 -17.80
C MET B 378 -30.87 -8.92 -18.79
N GLN B 379 -31.86 -8.22 -18.28
CA GLN B 379 -32.92 -7.67 -19.16
C GLN B 379 -32.31 -6.61 -20.07
N ARG B 380 -31.38 -5.82 -19.53
CA ARG B 380 -30.72 -4.76 -20.34
C ARG B 380 -29.85 -5.42 -21.41
N LEU B 381 -29.21 -6.52 -21.06
CA LEU B 381 -28.42 -7.23 -22.07
C LEU B 381 -29.31 -7.67 -23.23
N LYS B 382 -30.47 -8.24 -22.92
CA LYS B 382 -31.40 -8.65 -24.00
C LYS B 382 -31.80 -7.41 -24.80
N GLN B 383 -32.10 -6.34 -24.09
CA GLN B 383 -32.50 -5.08 -24.75
C GLN B 383 -31.42 -4.70 -25.76
N GLY B 384 -30.15 -4.78 -25.37
CA GLY B 384 -29.08 -4.33 -26.28
C GLY B 384 -28.92 -5.24 -27.47
N VAL B 385 -29.05 -6.54 -27.25
CA VAL B 385 -28.97 -7.49 -28.36
C VAL B 385 -30.14 -7.31 -29.31
N LEU B 386 -31.36 -7.17 -28.76
CA LEU B 386 -32.52 -6.91 -29.61
C LEU B 386 -32.33 -5.64 -30.43
N ASN B 387 -31.76 -4.60 -29.83
CA ASN B 387 -31.51 -3.30 -30.51
C ASN B 387 -30.52 -3.50 -31.66
N LEU B 388 -29.74 -4.59 -31.66
CA LEU B 388 -28.78 -4.81 -32.73
C LEU B 388 -29.41 -5.47 -33.94
N ASN B 389 -30.27 -6.46 -33.73
CA ASN B 389 -30.87 -7.24 -34.82
C ASN B 389 -32.04 -6.54 -35.51
N ASN B 390 -32.29 -5.26 -35.24
CA ASN B 390 -33.55 -4.66 -35.67
C ASN B 390 -33.41 -3.64 -36.80
#